data_9G5Y
#
_entry.id   9G5Y
#
_cell.length_a   55.532
_cell.length_b   139.498
_cell.length_c   143.223
_cell.angle_alpha   90.00
_cell.angle_beta   90.00
_cell.angle_gamma   90.00
#
_symmetry.space_group_name_H-M   'P 21 21 21'
#
loop_
_entity.id
_entity.type
_entity.pdbx_description
1 polymer 'UDP-N-acetylglucosamine diphosphorylase'
2 polymer 'UDP-N-acetylglucosamine diphosphorylase'
3 non-polymer 4-ethyl-2,5-dimethyl-pyrazol-3-amine
4 non-polymer 2-acetamido-2-deoxy-1-O-phosphono-alpha-D-glucopyranose
5 non-polymer '(3~{S})-3-azanyl-3-thiophen-2-yl-propanoic acid'
6 water water
#
loop_
_entity_poly.entity_id
_entity_poly.type
_entity_poly.pdbx_seq_one_letter_code
_entity_poly.pdbx_strand_id
1 'polypeptide(L)'
;GPSAEEFQQLRKKYTDAGQGHVFAFVDELQTGERSQLFHQLSSFDPVRINELADKALNPPKADDGPASLEPLPDIATASI
LDSDPKDLEQWYEEGLKLVAGNKVAVVLMAGGQGTRLGSSAPKGCFDIGLPSHKSLFQIQAERIAKLQLLAQRISGKEAV
IPWYVMTSGPTRKPTEEFFEQHKYFGLNKSDVIIFEQGVLPCISNEGKILMESKFKVAVAPDGNGGIYQALLTSGVREDM
RKRGIEHIHTY(YCM)VDNCLVKVADPVFIGFAASKQVDIATKVVRKRNATESVGLILQKNGKPDVVEYSEIDKETAEAK
DPKQPDVLKFRAANIVNHYYSFKFFESIELWAHKLPHHVARKKIPCIKEGTGEFFKPEKPNGIKLEQFVFDVFPMTPLEK
FACIEVRREDEFSPLKNARGTGEDDPDTSKRDIMSQGQRWIEKAGGIVITEGDVVGVEVSPLISYGGEGLEFLKGREIKA
PAFIEKEE
;
B
2 'polypeptide(L)'
;GPSAEEFQQLRKKYTDAGQGHVFAFVDELQTGERSQLFHQLSSFDPVRINELADKALNPPKADDGPASLEPLPDIATASI
LDSDPKDLEQWYEEGLKLVAGNKVAVVLMAGGQGTRLGSSAPKGCFDIGLPSHKSLFQIQAERIAKLQLLAQRISGKEAV
IPWYVMTSGPTRKPTEEFFEQHKYFGLNKSDVIIFEQGVLPCISNEGKILMESKFKVAVAPDGNGGIYQALLTSGVREDM
RKRGIEHIHTYCVDNCLVKVADPVFIGFAASKQVDIATKVVRKRNATESVGLILQKNGKPDVVEYSEIDKETAEAKDPKQ
PDVLKFRAANIVNHYYSFKFFESIELWAHKLPHHVARKKIPCIKEGTGEFFKPEKPNGIKLEQFVFDVFPMTPLEKFACI
EVRREDEFSPLKNARGTGEDDPDTSKRDIMSQGQRWIEKAGGIVITEGDVVGVEVSPLISYGGEGLEFLKGREIKAPAFI
EKEE
;
A
#
loop_
_chem_comp.id
_chem_comp.type
_chem_comp.name
_chem_comp.formula
A1IIG non-polymer '(3~{S})-3-azanyl-3-thiophen-2-yl-propanoic acid' 'C7 H9 N O2 S'
A1IIQ non-polymer 4-ethyl-2,5-dimethyl-pyrazol-3-amine 'C7 H13 N3'
GN1 D-saccharide 2-acetamido-2-deoxy-1-O-phosphono-alpha-D-glucopyranose 'C8 H16 N O9 P'
#
# COMPACT_ATOMS: atom_id res chain seq x y z
N PRO A 2 -9.22 -16.65 -18.11
CA PRO A 2 -9.41 -16.23 -19.51
C PRO A 2 -9.34 -17.41 -20.47
N SER A 3 -10.29 -17.49 -21.39
CA SER A 3 -10.38 -18.65 -22.28
C SER A 3 -9.23 -18.67 -23.28
N ALA A 4 -9.05 -19.83 -23.91
CA ALA A 4 -7.97 -19.97 -24.87
C ALA A 4 -8.23 -19.12 -26.12
N GLU A 5 -9.49 -19.00 -26.52
CA GLU A 5 -9.81 -18.20 -27.70
C GLU A 5 -9.55 -16.71 -27.45
N GLU A 6 -9.98 -16.21 -26.30
CA GLU A 6 -9.64 -14.84 -25.90
C GLU A 6 -8.14 -14.65 -25.87
N PHE A 7 -7.42 -15.55 -25.20
CA PHE A 7 -5.97 -15.43 -25.10
C PHE A 7 -5.32 -15.48 -26.47
N GLN A 8 -5.86 -16.29 -27.38
CA GLN A 8 -5.28 -16.36 -28.72
C GLN A 8 -5.53 -15.06 -29.50
N GLN A 9 -6.72 -14.47 -29.34
CA GLN A 9 -7.00 -13.23 -30.04
C GLN A 9 -6.04 -12.12 -29.60
N LEU A 10 -5.73 -12.05 -28.30
CA LEU A 10 -4.81 -11.04 -27.83
C LEU A 10 -3.38 -11.32 -28.29
N ARG A 11 -3.02 -12.61 -28.39
CA ARG A 11 -1.68 -12.93 -28.84
C ARG A 11 -1.50 -12.56 -30.31
N LYS A 12 -2.52 -12.79 -31.13
CA LYS A 12 -2.43 -12.39 -32.54
C LYS A 12 -2.31 -10.87 -32.65
N LYS A 13 -3.14 -10.14 -31.91
CA LYS A 13 -3.07 -8.68 -31.91
C LYS A 13 -1.66 -8.20 -31.59
N TYR A 14 -1.07 -8.73 -30.52
CA TYR A 14 0.25 -8.26 -30.14
C TYR A 14 1.32 -8.73 -31.11
N THR A 15 1.17 -9.94 -31.66
CA THR A 15 2.17 -10.43 -32.60
C THR A 15 2.11 -9.70 -33.94
N ASP A 16 0.89 -9.46 -34.44
CA ASP A 16 0.74 -8.73 -35.70
C ASP A 16 1.28 -7.32 -35.60
N ALA A 17 1.18 -6.72 -34.42
CA ALA A 17 1.71 -5.39 -34.15
C ALA A 17 3.20 -5.41 -33.86
N GLY A 18 3.84 -6.57 -33.96
CA GLY A 18 5.27 -6.66 -33.73
C GLY A 18 5.66 -6.61 -32.27
N GLN A 19 4.78 -7.00 -31.37
CA GLN A 19 5.07 -7.00 -29.94
C GLN A 19 4.92 -8.39 -29.36
N GLY A 20 5.08 -9.41 -30.21
CA GLY A 20 4.86 -10.79 -29.83
C GLY A 20 5.80 -11.31 -28.77
N HIS A 21 6.88 -10.58 -28.49
CA HIS A 21 7.78 -11.02 -27.43
C HIS A 21 7.12 -11.04 -26.05
N VAL A 22 6.06 -10.25 -25.84
CA VAL A 22 5.48 -10.18 -24.51
C VAL A 22 4.89 -11.51 -24.09
N PHE A 23 4.67 -12.42 -25.03
CA PHE A 23 4.22 -13.77 -24.73
C PHE A 23 5.35 -14.79 -24.73
N ALA A 24 6.61 -14.33 -24.79
CA ALA A 24 7.71 -15.26 -25.05
C ALA A 24 7.85 -16.30 -23.95
N PHE A 25 7.43 -15.99 -22.73
CA PHE A 25 7.59 -16.90 -21.60
C PHE A 25 6.26 -17.47 -21.14
N VAL A 26 5.23 -17.43 -21.99
CA VAL A 26 3.91 -17.88 -21.56
C VAL A 26 3.96 -19.34 -21.11
N ASP A 27 4.72 -20.18 -21.82
CA ASP A 27 4.76 -21.61 -21.55
C ASP A 27 5.30 -21.96 -20.15
N GLU A 28 5.94 -21.01 -19.47
CA GLU A 28 6.46 -21.23 -18.13
C GLU A 28 5.56 -20.69 -17.03
N LEU A 29 4.45 -20.05 -17.36
CA LEU A 29 3.67 -19.32 -16.36
C LEU A 29 2.60 -20.20 -15.72
N GLN A 30 2.39 -20.00 -14.42
CA GLN A 30 1.22 -20.57 -13.75
C GLN A 30 -0.03 -19.81 -14.18
N THR A 31 -1.19 -20.33 -13.76
CA THR A 31 -2.46 -19.75 -14.20
C THR A 31 -2.64 -18.32 -13.70
N GLY A 32 -2.22 -18.05 -12.46
CA GLY A 32 -2.34 -16.70 -11.95
C GLY A 32 -1.51 -15.71 -12.74
N GLU A 33 -0.25 -16.08 -13.00
CA GLU A 33 0.65 -15.20 -13.76
C GLU A 33 0.17 -15.03 -15.20
N ARG A 34 -0.37 -16.09 -15.79
CA ARG A 34 -0.95 -15.99 -17.12
C ARG A 34 -2.16 -15.06 -17.13
N SER A 35 -2.98 -15.14 -16.08
CA SER A 35 -4.15 -14.28 -15.96
C SER A 35 -3.73 -12.81 -15.88
N GLN A 36 -2.73 -12.52 -15.03
CA GLN A 36 -2.25 -11.15 -14.92
C GLN A 36 -1.81 -10.60 -16.28
N LEU A 37 -0.91 -11.32 -16.96
CA LEU A 37 -0.39 -10.87 -18.25
C LEU A 37 -1.51 -10.59 -19.24
N PHE A 38 -2.51 -11.48 -19.31
CA PHE A 38 -3.64 -11.25 -20.19
C PHE A 38 -4.34 -9.93 -19.88
N HIS A 39 -4.70 -9.73 -18.61
CA HIS A 39 -5.44 -8.53 -18.26
C HIS A 39 -4.61 -7.28 -18.48
N GLN A 40 -3.32 -7.32 -18.12
CA GLN A 40 -2.49 -6.15 -18.33
C GLN A 40 -2.40 -5.81 -19.81
N LEU A 41 -2.06 -6.81 -20.64
CA LEU A 41 -1.91 -6.57 -22.08
C LEU A 41 -3.21 -6.11 -22.71
N SER A 42 -4.36 -6.59 -22.20
CA SER A 42 -5.64 -6.14 -22.75
C SER A 42 -5.91 -4.68 -22.44
N SER A 43 -5.26 -4.09 -21.45
CA SER A 43 -5.48 -2.67 -21.21
C SER A 43 -4.67 -1.76 -22.12
N PHE A 44 -3.81 -2.30 -22.99
CA PHE A 44 -3.10 -1.46 -23.95
C PHE A 44 -3.46 -1.85 -25.38
N ASP A 45 -3.38 -0.88 -26.28
CA ASP A 45 -3.54 -1.16 -27.69
C ASP A 45 -2.16 -1.23 -28.31
N PRO A 46 -1.64 -2.40 -28.65
CA PRO A 46 -0.26 -2.47 -29.17
C PRO A 46 -0.05 -1.55 -30.36
N VAL A 47 -1.09 -1.36 -31.19
CA VAL A 47 -0.96 -0.46 -32.34
C VAL A 47 -0.80 0.99 -31.88
N ARG A 48 -1.60 1.43 -30.91
CA ARG A 48 -1.40 2.76 -30.35
C ARG A 48 -0.01 2.89 -29.73
N ILE A 49 0.45 1.85 -29.02
CA ILE A 49 1.81 1.88 -28.46
C ILE A 49 2.85 2.05 -29.55
N ASN A 50 2.71 1.33 -30.66
CA ASN A 50 3.64 1.51 -31.77
C ASN A 50 3.64 2.96 -32.26
N GLU A 51 2.45 3.56 -32.36
CA GLU A 51 2.39 4.93 -32.85
C GLU A 51 3.06 5.90 -31.88
N LEU A 52 2.88 5.67 -30.57
CA LEU A 52 3.56 6.52 -29.58
C LEU A 52 5.07 6.30 -29.65
N ALA A 53 5.49 5.04 -29.80
CA ALA A 53 6.91 4.73 -29.79
C ALA A 53 7.59 5.36 -31.00
N ASP A 54 6.94 5.28 -32.16
CA ASP A 54 7.52 5.80 -33.39
C ASP A 54 7.63 7.31 -33.33
N LYS A 55 6.62 7.98 -32.77
CA LYS A 55 6.72 9.43 -32.58
C LYS A 55 7.84 9.75 -31.61
N ALA A 56 7.97 8.98 -30.53
CA ALA A 56 8.98 9.27 -29.51
C ALA A 56 10.39 9.00 -30.04
N LEU A 57 10.57 7.92 -30.79
CA LEU A 57 11.91 7.45 -31.11
C LEU A 57 12.44 7.98 -32.43
N ASN A 58 11.55 8.27 -33.38
CA ASN A 58 11.91 8.87 -34.66
C ASN A 58 11.02 10.10 -34.87
N PRO A 59 11.16 11.12 -34.03
CA PRO A 59 10.24 12.27 -34.10
C PRO A 59 10.55 13.15 -35.30
N PRO A 60 9.61 14.05 -35.68
CA PRO A 60 9.84 15.03 -36.74
C PRO A 60 10.51 16.32 -36.23
N ALA A 67 10.78 28.20 -33.47
CA ALA A 67 9.76 28.70 -32.54
C ALA A 67 10.03 30.14 -32.14
N SER A 68 8.97 30.93 -32.07
CA SER A 68 9.03 32.34 -31.73
C SER A 68 8.67 32.52 -30.25
N LEU A 69 9.67 32.81 -29.42
CA LEU A 69 9.54 32.91 -27.97
C LEU A 69 9.68 34.36 -27.51
N GLU A 70 8.69 34.85 -26.78
CA GLU A 70 8.72 36.17 -26.16
C GLU A 70 8.11 36.07 -24.77
N PRO A 71 8.39 37.02 -23.89
CA PRO A 71 7.69 37.04 -22.59
C PRO A 71 6.23 37.36 -22.80
N LEU A 72 5.39 36.93 -21.86
CA LEU A 72 3.96 37.16 -22.02
C LEU A 72 3.66 38.65 -22.10
N PRO A 73 2.67 39.04 -22.88
CA PRO A 73 2.25 40.44 -22.91
C PRO A 73 1.64 40.84 -21.59
N ASP A 74 1.64 42.15 -21.35
CA ASP A 74 1.19 42.67 -20.06
C ASP A 74 -0.29 42.43 -19.83
N ILE A 75 -1.07 42.18 -20.89
CA ILE A 75 -2.49 41.91 -20.67
C ILE A 75 -2.73 40.51 -20.12
N ALA A 76 -1.75 39.61 -20.17
CA ALA A 76 -1.91 38.28 -19.61
C ALA A 76 -1.16 38.10 -18.31
N THR A 77 -0.59 39.16 -17.74
CA THR A 77 0.27 39.05 -16.58
C THR A 77 -0.23 39.94 -15.45
N ALA A 78 0.23 39.61 -14.26
CA ALA A 78 -0.08 40.39 -13.08
C ALA A 78 0.99 40.11 -12.05
N SER A 79 1.06 40.97 -11.05
CA SER A 79 2.10 40.82 -10.04
C SER A 79 1.55 41.29 -8.71
N ILE A 80 1.73 40.47 -7.67
CA ILE A 80 1.32 40.91 -6.34
C ILE A 80 2.07 42.17 -5.95
N LEU A 81 3.28 42.35 -6.50
CA LEU A 81 4.06 43.56 -6.18
C LEU A 81 3.44 44.82 -6.77
N ASP A 82 2.97 44.77 -8.03
CA ASP A 82 2.36 45.94 -8.66
C ASP A 82 0.91 46.14 -8.28
N SER A 83 0.37 45.35 -7.37
CA SER A 83 -1.07 45.32 -7.15
C SER A 83 -1.48 46.39 -6.15
N ASP A 84 -2.59 47.04 -6.44
CA ASP A 84 -3.20 47.93 -5.47
C ASP A 84 -3.69 47.10 -4.28
N PRO A 85 -3.31 47.45 -3.04
CA PRO A 85 -3.77 46.66 -1.89
C PRO A 85 -5.28 46.61 -1.74
N LYS A 86 -6.02 47.56 -2.31
CA LYS A 86 -7.47 47.47 -2.29
C LYS A 86 -7.99 46.35 -3.18
N ASP A 87 -7.37 46.15 -4.35
CA ASP A 87 -7.73 45.01 -5.20
C ASP A 87 -7.42 43.69 -4.50
N LEU A 88 -6.22 43.59 -3.90
CA LEU A 88 -5.86 42.36 -3.20
C LEU A 88 -6.89 42.06 -2.12
N GLU A 89 -7.29 43.09 -1.34
CA GLU A 89 -8.29 42.87 -0.31
CA GLU A 89 -8.31 42.91 -0.31
C GLU A 89 -9.64 42.46 -0.91
N GLN A 90 -10.04 43.09 -2.02
CA GLN A 90 -11.29 42.71 -2.68
C GLN A 90 -11.22 41.29 -3.24
N TRP A 91 -10.10 40.94 -3.89
CA TRP A 91 -9.96 39.58 -4.42
C TRP A 91 -9.95 38.54 -3.31
N TYR A 92 -9.27 38.85 -2.20
CA TYR A 92 -9.34 37.96 -1.04
C TYR A 92 -10.80 37.72 -0.63
N GLU A 93 -11.58 38.79 -0.47
CA GLU A 93 -12.94 38.63 0.00
C GLU A 93 -13.79 37.85 -0.99
N GLU A 94 -13.64 38.15 -2.28
CA GLU A 94 -14.43 37.39 -3.25
CA GLU A 94 -14.37 37.40 -3.30
C GLU A 94 -13.99 35.93 -3.28
N GLY A 95 -12.71 35.64 -3.08
CA GLY A 95 -12.28 34.26 -3.01
C GLY A 95 -12.91 33.51 -1.84
N LEU A 96 -13.02 34.16 -0.68
CA LEU A 96 -13.61 33.52 0.49
C LEU A 96 -15.11 33.30 0.30
N LYS A 97 -15.76 34.26 -0.33
CA LYS A 97 -17.14 34.11 -0.76
C LYS A 97 -17.33 32.89 -1.66
N LEU A 98 -16.39 32.65 -2.59
CA LEU A 98 -16.52 31.47 -3.45
C LEU A 98 -16.34 30.18 -2.65
N VAL A 99 -15.45 30.18 -1.65
CA VAL A 99 -15.33 29.01 -0.78
C VAL A 99 -16.63 28.81 -0.02
N ALA A 100 -17.18 29.91 0.54
CA ALA A 100 -18.42 29.82 1.30
C ALA A 100 -19.56 29.29 0.43
N GLY A 101 -19.53 29.56 -0.86
CA GLY A 101 -20.55 29.03 -1.74
C GLY A 101 -20.31 27.62 -2.20
N ASN A 102 -19.30 26.95 -1.63
CA ASN A 102 -18.91 25.58 -2.01
C ASN A 102 -18.61 25.49 -3.50
N LYS A 103 -17.98 26.53 -4.04
CA LYS A 103 -17.67 26.59 -5.46
C LYS A 103 -16.23 26.25 -5.78
N VAL A 104 -15.41 25.99 -4.77
CA VAL A 104 -13.97 25.87 -4.94
C VAL A 104 -13.55 24.45 -4.59
N ALA A 105 -12.75 23.82 -5.46
CA ALA A 105 -12.21 22.50 -5.26
C ALA A 105 -10.69 22.54 -5.43
N VAL A 106 -10.02 21.57 -4.85
CA VAL A 106 -8.57 21.45 -4.93
C VAL A 106 -8.24 20.08 -5.50
N VAL A 107 -7.38 20.04 -6.53
CA VAL A 107 -6.80 18.80 -7.01
C VAL A 107 -5.32 18.81 -6.66
N LEU A 108 -4.90 17.81 -5.87
CA LEU A 108 -3.53 17.65 -5.42
C LEU A 108 -2.83 16.63 -6.30
N MET A 109 -1.76 17.04 -7.00
CA MET A 109 -0.95 16.12 -7.76
C MET A 109 0.12 15.56 -6.82
N ALA A 110 -0.07 14.32 -6.39
CA ALA A 110 0.76 13.60 -5.42
C ALA A 110 1.19 12.27 -5.99
N GLY A 111 1.41 12.22 -7.30
CA GLY A 111 1.77 11.00 -8.00
C GLY A 111 3.26 10.90 -8.22
N GLY A 112 3.64 10.44 -9.42
CA GLY A 112 5.04 10.29 -9.74
C GLY A 112 5.70 9.30 -8.80
N GLN A 113 6.96 9.59 -8.42
CA GLN A 113 7.69 8.75 -7.50
C GLN A 113 8.35 9.59 -6.41
N GLY A 114 9.00 10.69 -6.82
CA GLY A 114 9.83 11.47 -5.93
C GLY A 114 11.23 10.89 -5.81
N THR A 115 11.88 10.66 -6.97
CA THR A 115 13.09 9.84 -7.04
C THR A 115 14.35 10.58 -6.57
N ARG A 116 14.36 11.92 -6.61
CA ARG A 116 15.52 12.69 -6.14
C ARG A 116 15.60 12.75 -4.61
N LEU A 117 14.44 12.77 -3.96
CA LEU A 117 14.42 12.73 -2.49
C LEU A 117 14.69 11.31 -1.97
N GLY A 118 14.39 10.30 -2.78
CA GLY A 118 14.73 8.92 -2.44
C GLY A 118 14.04 8.40 -1.19
N SER A 119 12.74 8.69 -1.04
CA SER A 119 11.99 8.23 0.12
C SER A 119 11.27 6.93 -0.22
N SER A 120 11.07 6.09 0.81
CA SER A 120 10.29 4.88 0.63
C SER A 120 8.79 5.20 0.58
N ALA A 121 8.38 6.29 1.20
CA ALA A 121 7.00 6.70 1.32
C ALA A 121 6.64 7.74 0.25
N PRO A 122 5.36 7.94 -0.01
CA PRO A 122 4.94 9.08 -0.84
C PRO A 122 5.52 10.37 -0.29
N LYS A 123 5.93 11.26 -1.21
CA LYS A 123 6.53 12.52 -0.80
C LYS A 123 5.63 13.27 0.17
N GLY A 124 4.31 13.18 -0.01
CA GLY A 124 3.40 13.91 0.84
C GLY A 124 3.53 13.52 2.31
N CYS A 125 3.99 12.31 2.58
CA CYS A 125 4.15 11.84 3.95
C CYS A 125 5.37 12.41 4.62
N PHE A 126 6.30 12.98 3.84
CA PHE A 126 7.60 13.35 4.38
C PHE A 126 7.48 14.34 5.53
N ASP A 127 8.28 14.11 6.56
CA ASP A 127 8.35 15.00 7.72
C ASP A 127 9.65 15.79 7.60
N ILE A 128 9.53 17.09 7.30
CA ILE A 128 10.71 17.92 7.11
C ILE A 128 11.35 18.35 8.42
N GLY A 129 10.87 17.87 9.55
CA GLY A 129 11.48 18.19 10.82
C GLY A 129 10.99 19.43 11.52
N LEU A 130 9.83 19.97 11.16
CA LEU A 130 9.23 21.03 11.97
C LEU A 130 9.09 20.60 13.43
N PRO A 131 9.01 21.52 14.39
CA PRO A 131 8.70 21.10 15.78
C PRO A 131 7.48 20.21 15.90
N SER A 132 6.45 20.47 15.08
CA SER A 132 5.25 19.65 15.09
C SER A 132 5.43 18.29 14.42
N HIS A 133 6.44 18.14 13.57
CA HIS A 133 6.62 16.93 12.74
C HIS A 133 5.39 16.61 11.90
N LYS A 134 4.64 17.62 11.48
CA LYS A 134 3.58 17.39 10.50
C LYS A 134 4.15 17.09 9.12
N SER A 135 3.49 16.18 8.40
CA SER A 135 3.84 15.91 7.02
C SER A 135 3.35 17.06 6.13
N LEU A 136 3.85 17.06 4.89
CA LEU A 136 3.30 17.95 3.87
C LEU A 136 1.79 17.78 3.76
N PHE A 137 1.32 16.52 3.63
CA PHE A 137 -0.12 16.27 3.50
C PHE A 137 -0.89 16.97 4.60
N GLN A 138 -0.43 16.79 5.85
CA GLN A 138 -1.18 17.35 6.97
C GLN A 138 -1.16 18.88 6.96
N ILE A 139 -0.03 19.49 6.61
CA ILE A 139 0.01 20.95 6.54
C ILE A 139 -0.98 21.45 5.50
N GLN A 140 -1.03 20.79 4.34
CA GLN A 140 -1.94 21.21 3.28
C GLN A 140 -3.40 21.00 3.70
N ALA A 141 -3.72 19.84 4.27
CA ALA A 141 -5.07 19.59 4.78
C ALA A 141 -5.51 20.63 5.80
N GLU A 142 -4.60 21.09 6.65
CA GLU A 142 -5.01 22.03 7.68
C GLU A 142 -5.24 23.42 7.09
N ARG A 143 -4.54 23.76 6.00
CA ARG A 143 -4.81 25.02 5.30
C ARG A 143 -6.20 24.99 4.69
N ILE A 144 -6.60 23.84 4.15
CA ILE A 144 -7.97 23.67 3.65
C ILE A 144 -8.97 23.87 4.78
N ALA A 145 -8.75 23.17 5.91
CA ALA A 145 -9.65 23.31 7.05
C ALA A 145 -9.72 24.76 7.52
N LYS A 146 -8.58 25.41 7.66
CA LYS A 146 -8.59 26.80 8.09
C LYS A 146 -9.41 27.66 7.13
N LEU A 147 -9.19 27.48 5.83
CA LEU A 147 -9.90 28.31 4.86
C LEU A 147 -11.41 28.10 4.96
N GLN A 148 -11.83 26.85 5.15
CA GLN A 148 -13.25 26.57 5.39
C GLN A 148 -13.75 27.30 6.63
N LEU A 149 -12.97 27.28 7.71
CA LEU A 149 -13.33 28.01 8.91
C LEU A 149 -13.48 29.50 8.64
N LEU A 150 -12.52 30.10 7.93
CA LEU A 150 -12.61 31.53 7.63
C LEU A 150 -13.84 31.83 6.80
N ALA A 151 -14.14 30.99 5.82
CA ALA A 151 -15.30 31.20 4.96
C ALA A 151 -16.61 31.14 5.74
N GLN A 152 -16.70 30.22 6.71
CA GLN A 152 -17.92 30.04 7.51
C GLN A 152 -18.20 31.26 8.39
N ARG A 153 -17.16 31.98 8.76
CA ARG A 153 -17.32 33.23 9.49
C ARG A 153 -18.13 34.26 8.68
N ILE A 154 -18.04 34.24 7.35
CA ILE A 154 -18.82 35.19 6.59
C ILE A 154 -20.18 34.65 6.17
N SER A 155 -20.36 33.33 6.12
CA SER A 155 -21.59 32.75 5.58
C SER A 155 -22.56 32.24 6.64
N GLY A 156 -22.08 31.86 7.82
CA GLY A 156 -22.93 31.13 8.76
C GLY A 156 -23.31 29.73 8.35
N LYS A 157 -22.69 29.16 7.31
CA LYS A 157 -23.02 27.83 6.83
C LYS A 157 -21.74 27.02 6.62
N GLU A 158 -21.88 25.69 6.63
CA GLU A 158 -20.75 24.83 6.33
C GLU A 158 -20.12 25.24 5.00
N ALA A 159 -18.79 25.27 4.98
CA ALA A 159 -18.04 25.52 3.75
C ALA A 159 -17.20 24.30 3.47
N VAL A 160 -17.19 23.83 2.22
CA VAL A 160 -16.52 22.59 1.86
C VAL A 160 -15.67 22.84 0.62
N ILE A 161 -14.36 22.66 0.77
CA ILE A 161 -13.45 22.57 -0.36
C ILE A 161 -13.12 21.10 -0.55
N PRO A 162 -13.70 20.40 -1.53
CA PRO A 162 -13.31 19.00 -1.74
C PRO A 162 -11.86 18.91 -2.17
N TRP A 163 -11.19 17.86 -1.69
CA TRP A 163 -9.76 17.64 -1.87
C TRP A 163 -9.64 16.39 -2.71
N TYR A 164 -9.33 16.54 -3.99
CA TYR A 164 -9.13 15.39 -4.86
C TYR A 164 -7.64 15.12 -4.98
N VAL A 165 -7.21 13.96 -4.49
CA VAL A 165 -5.80 13.69 -4.28
C VAL A 165 -5.37 12.65 -5.31
N MET A 166 -4.60 13.09 -6.30
CA MET A 166 -4.18 12.21 -7.37
C MET A 166 -2.87 11.54 -7.00
N THR A 167 -2.84 10.23 -7.08
CA THR A 167 -1.65 9.46 -6.75
C THR A 167 -1.28 8.62 -7.94
N SER A 168 -0.18 7.91 -7.83
CA SER A 168 0.18 6.91 -8.81
C SER A 168 -0.11 5.52 -8.23
N GLY A 169 -0.07 4.52 -9.12
CA GLY A 169 -0.14 3.13 -8.71
C GLY A 169 0.74 2.83 -7.52
N PRO A 170 2.04 3.15 -7.62
CA PRO A 170 2.94 2.96 -6.46
C PRO A 170 2.45 3.61 -5.16
N THR A 171 2.09 4.88 -5.21
CA THR A 171 1.84 5.66 -3.99
C THR A 171 0.40 5.58 -3.52
N ARG A 172 -0.49 4.93 -4.26
CA ARG A 172 -1.91 5.04 -3.90
C ARG A 172 -2.19 4.38 -2.55
N LYS A 173 -1.73 3.13 -2.36
CA LYS A 173 -2.07 2.44 -1.12
C LYS A 173 -1.41 3.08 0.11
N PRO A 174 -0.09 3.35 0.14
CA PRO A 174 0.44 4.09 1.29
C PRO A 174 -0.19 5.45 1.49
N THR A 175 -0.63 6.13 0.43
CA THR A 175 -1.31 7.41 0.64
C THR A 175 -2.63 7.20 1.36
N GLU A 176 -3.41 6.19 0.95
CA GLU A 176 -4.72 5.99 1.58
C GLU A 176 -4.56 5.53 3.02
N GLU A 177 -3.61 4.64 3.30
CA GLU A 177 -3.42 4.21 4.68
C GLU A 177 -3.03 5.39 5.57
N PHE A 178 -2.12 6.24 5.07
CA PHE A 178 -1.67 7.39 5.83
C PHE A 178 -2.84 8.31 6.17
N PHE A 179 -3.63 8.70 5.16
CA PHE A 179 -4.79 9.54 5.42
C PHE A 179 -5.71 8.89 6.45
N GLU A 180 -5.92 7.58 6.31
CA GLU A 180 -6.76 6.85 7.27
C GLU A 180 -6.18 6.90 8.68
N GLN A 181 -4.87 6.66 8.80
CA GLN A 181 -4.26 6.64 10.13
C GLN A 181 -4.31 7.99 10.80
N HIS A 182 -4.39 9.07 10.01
CA HIS A 182 -4.51 10.42 10.55
C HIS A 182 -5.93 10.93 10.54
N LYS A 183 -6.91 10.04 10.33
CA LYS A 183 -8.32 10.44 10.31
C LYS A 183 -8.54 11.64 9.39
N TYR A 184 -7.89 11.60 8.23
CA TYR A 184 -8.06 12.61 7.19
C TYR A 184 -7.72 14.01 7.71
N PHE A 185 -6.88 14.08 8.74
CA PHE A 185 -6.35 15.33 9.26
C PHE A 185 -7.46 16.25 9.76
N GLY A 186 -8.56 15.69 10.23
CA GLY A 186 -9.66 16.49 10.69
C GLY A 186 -10.62 16.90 9.60
N LEU A 187 -10.36 16.53 8.36
CA LEU A 187 -11.35 16.81 7.34
C LEU A 187 -12.34 15.64 7.29
N ASN A 188 -13.43 15.82 6.58
CA ASN A 188 -14.38 14.72 6.44
C ASN A 188 -13.92 13.81 5.31
N LYS A 189 -13.81 12.51 5.61
CA LYS A 189 -13.37 11.58 4.55
C LYS A 189 -14.31 11.61 3.35
N SER A 190 -15.56 12.03 3.54
CA SER A 190 -16.47 12.10 2.38
C SER A 190 -16.18 13.29 1.48
N ASP A 191 -15.29 14.20 1.89
CA ASP A 191 -14.87 15.31 1.05
C ASP A 191 -13.43 15.17 0.57
N VAL A 192 -12.81 14.01 0.78
CA VAL A 192 -11.47 13.71 0.29
C VAL A 192 -11.55 12.48 -0.59
N ILE A 193 -11.17 12.62 -1.87
CA ILE A 193 -11.16 11.50 -2.80
C ILE A 193 -9.73 11.28 -3.27
N ILE A 194 -9.17 10.16 -2.90
CA ILE A 194 -7.87 9.74 -3.42
C ILE A 194 -8.12 8.92 -4.68
N PHE A 195 -7.48 9.31 -5.78
CA PHE A 195 -7.65 8.58 -7.02
C PHE A 195 -6.27 8.41 -7.66
N GLU A 196 -6.24 7.85 -8.84
CA GLU A 196 -5.01 7.34 -9.39
C GLU A 196 -4.86 7.81 -10.83
N GLN A 197 -3.66 8.26 -11.19
CA GLN A 197 -3.42 8.59 -12.58
C GLN A 197 -3.17 7.31 -13.39
N GLY A 198 -3.16 7.46 -14.72
CA GLY A 198 -2.91 6.36 -15.61
C GLY A 198 -1.45 6.01 -15.75
N VAL A 199 -1.19 4.92 -16.49
CA VAL A 199 0.16 4.45 -16.77
C VAL A 199 0.31 4.29 -18.28
N LEU A 200 1.57 4.25 -18.71
CA LEU A 200 1.92 3.86 -20.06
C LEU A 200 3.06 2.86 -19.99
N PRO A 201 3.08 1.87 -20.88
CA PRO A 201 4.21 0.93 -20.88
C PRO A 201 5.49 1.67 -21.20
N CYS A 202 6.58 1.21 -20.60
CA CYS A 202 7.90 1.72 -20.95
C CYS A 202 8.34 1.09 -22.26
N ILE A 203 9.00 1.87 -23.12
CA ILE A 203 9.37 1.43 -24.46
C ILE A 203 10.89 1.34 -24.55
N SER A 204 11.40 0.23 -25.09
CA SER A 204 12.83 0.09 -25.34
C SER A 204 13.29 1.05 -26.44
N ASN A 205 14.61 1.20 -26.56
CA ASN A 205 15.19 2.02 -27.61
C ASN A 205 14.84 1.50 -29.00
N GLU A 206 14.54 0.22 -29.13
CA GLU A 206 14.14 -0.34 -30.42
C GLU A 206 12.63 -0.34 -30.61
N GLY A 207 11.88 0.35 -29.74
CA GLY A 207 10.45 0.46 -29.92
C GLY A 207 9.64 -0.68 -29.37
N LYS A 208 10.22 -1.52 -28.52
CA LYS A 208 9.51 -2.71 -28.04
C LYS A 208 9.11 -2.51 -26.59
N ILE A 209 7.92 -3.01 -26.26
CA ILE A 209 7.44 -3.02 -24.88
C ILE A 209 8.44 -3.76 -24.02
N LEU A 210 8.74 -3.21 -22.84
CA LEU A 210 9.69 -3.83 -21.93
C LEU A 210 8.93 -4.68 -20.94
N MET A 211 9.46 -5.87 -20.67
CA MET A 211 8.86 -6.79 -19.73
C MET A 211 9.57 -6.64 -18.39
N GLU A 212 8.85 -6.21 -17.38
CA GLU A 212 9.42 -6.14 -16.04
C GLU A 212 9.74 -7.53 -15.52
N SER A 213 8.81 -8.47 -15.70
CA SER A 213 9.00 -9.88 -15.38
C SER A 213 8.44 -10.73 -16.51
N LYS A 214 8.50 -12.05 -16.34
CA LYS A 214 8.00 -12.95 -17.37
C LYS A 214 6.49 -12.86 -17.55
N PHE A 215 5.77 -12.20 -16.62
CA PHE A 215 4.33 -12.08 -16.72
C PHE A 215 3.83 -10.64 -16.51
N LYS A 216 4.69 -9.64 -16.55
CA LYS A 216 4.25 -8.27 -16.27
C LYS A 216 5.03 -7.27 -17.11
N VAL A 217 4.30 -6.34 -17.70
CA VAL A 217 4.89 -5.30 -18.53
C VAL A 217 5.37 -4.17 -17.63
N ALA A 218 6.56 -3.64 -17.91
CA ALA A 218 7.07 -2.47 -17.19
C ALA A 218 6.28 -1.24 -17.60
N VAL A 219 5.48 -0.70 -16.68
CA VAL A 219 4.72 0.52 -16.93
C VAL A 219 5.28 1.64 -16.05
N ALA A 220 4.88 2.87 -16.35
CA ALA A 220 5.23 4.06 -15.57
C ALA A 220 4.03 5.01 -15.57
N PRO A 221 3.89 5.85 -14.53
CA PRO A 221 2.80 6.83 -14.54
C PRO A 221 2.91 7.77 -15.73
N ASP A 222 1.76 8.21 -16.22
CA ASP A 222 1.70 8.94 -17.49
C ASP A 222 1.91 10.45 -17.34
N GLY A 223 2.58 10.92 -16.29
CA GLY A 223 2.88 12.33 -16.15
C GLY A 223 1.78 13.10 -15.45
N ASN A 224 2.13 14.28 -14.89
CA ASN A 224 1.06 14.99 -14.19
C ASN A 224 0.03 15.53 -15.16
N GLY A 225 0.36 15.59 -16.46
CA GLY A 225 -0.63 15.92 -17.46
C GLY A 225 -1.69 14.86 -17.62
N GLY A 226 -1.45 13.65 -17.10
CA GLY A 226 -2.49 12.62 -17.01
C GLY A 226 -3.62 12.99 -16.06
N ILE A 227 -3.50 14.11 -15.36
CA ILE A 227 -4.53 14.51 -14.39
C ILE A 227 -5.90 14.61 -15.07
N TYR A 228 -5.95 15.18 -16.28
CA TYR A 228 -7.25 15.53 -16.86
C TYR A 228 -8.05 14.28 -17.18
N GLN A 229 -7.44 13.33 -17.89
CA GLN A 229 -8.15 12.12 -18.22
C GLN A 229 -8.53 11.36 -16.94
N ALA A 230 -7.65 11.37 -15.94
CA ALA A 230 -7.96 10.66 -14.70
C ALA A 230 -9.12 11.31 -13.94
N LEU A 231 -9.33 12.62 -14.09
CA LEU A 231 -10.53 13.24 -13.53
C LEU A 231 -11.80 12.69 -14.17
N LEU A 232 -11.75 12.31 -15.44
CA LEU A 232 -12.92 11.71 -16.08
C LEU A 232 -13.18 10.33 -15.51
N THR A 233 -12.22 9.42 -15.67
CA THR A 233 -12.43 8.01 -15.41
C THR A 233 -12.54 7.69 -13.93
N SER A 234 -11.99 8.55 -13.07
CA SER A 234 -12.16 8.31 -11.65
C SER A 234 -13.50 8.80 -11.14
N GLY A 235 -14.25 9.55 -11.95
CA GLY A 235 -15.47 10.18 -11.49
C GLY A 235 -15.30 11.47 -10.73
N VAL A 236 -14.07 12.00 -10.64
CA VAL A 236 -13.86 13.26 -9.92
C VAL A 236 -14.59 14.41 -10.62
N ARG A 237 -14.56 14.44 -11.95
CA ARG A 237 -15.25 15.54 -12.63
C ARG A 237 -16.74 15.50 -12.34
N GLU A 238 -17.33 14.30 -12.34
CA GLU A 238 -18.75 14.21 -12.02
C GLU A 238 -19.01 14.65 -10.60
N ASP A 239 -18.12 14.28 -9.67
CA ASP A 239 -18.27 14.76 -8.30
C ASP A 239 -18.20 16.29 -8.25
N MET A 240 -17.31 16.90 -9.03
CA MET A 240 -17.26 18.36 -9.06
C MET A 240 -18.57 18.93 -9.57
N ARG A 241 -19.15 18.30 -10.60
CA ARG A 241 -20.41 18.79 -11.14
C ARG A 241 -21.52 18.68 -10.11
N LYS A 242 -21.60 17.53 -9.42
CA LYS A 242 -22.69 17.38 -8.46
CA LYS A 242 -22.66 17.36 -8.43
C LYS A 242 -22.58 18.43 -7.35
N ARG A 243 -21.37 18.79 -6.96
CA ARG A 243 -21.17 19.76 -5.89
C ARG A 243 -21.32 21.20 -6.34
N GLY A 244 -21.42 21.47 -7.63
CA GLY A 244 -21.48 22.85 -8.09
C GLY A 244 -20.13 23.54 -8.16
N ILE A 245 -19.03 22.79 -8.22
CA ILE A 245 -17.71 23.40 -8.33
C ILE A 245 -17.65 24.27 -9.56
N GLU A 246 -17.11 25.48 -9.41
CA GLU A 246 -16.86 26.34 -10.55
C GLU A 246 -15.40 26.73 -10.71
N HIS A 247 -14.59 26.55 -9.67
CA HIS A 247 -13.21 27.02 -9.64
C HIS A 247 -12.36 25.91 -9.08
N ILE A 248 -11.28 25.55 -9.77
CA ILE A 248 -10.42 24.45 -9.35
C ILE A 248 -9.00 24.97 -9.22
N HIS A 249 -8.38 24.69 -8.08
CA HIS A 249 -6.96 24.96 -7.85
C HIS A 249 -6.19 23.65 -7.88
N THR A 250 -5.17 23.59 -8.71
CA THR A 250 -4.32 22.40 -8.82
C THR A 250 -2.88 22.77 -8.44
N TYR A 251 -2.24 21.92 -7.64
CA TYR A 251 -0.88 22.21 -7.19
C TYR A 251 -0.08 20.92 -6.98
N YCM A 252 1.23 21.07 -6.80
CA YCM A 252 2.11 19.95 -6.56
CB YCM A 252 3.45 20.17 -7.27
SG YCM A 252 4.65 18.89 -7.03
CD YCM A 252 3.99 17.58 -7.99
CE YCM A 252 3.98 17.93 -9.48
OZ1 YCM A 252 2.90 18.03 -10.10
NZ2 YCM A 252 5.17 18.11 -10.14
C YCM A 252 2.33 19.74 -5.07
O YCM A 252 2.51 20.70 -4.31
N VAL A 253 2.33 18.48 -4.64
CA VAL A 253 2.46 18.14 -3.22
C VAL A 253 3.79 18.57 -2.58
N ASP A 254 4.86 18.73 -3.36
CA ASP A 254 6.19 18.90 -2.77
C ASP A 254 6.48 20.30 -2.23
N ASN A 255 5.55 21.24 -2.33
CA ASN A 255 5.79 22.64 -1.96
C ASN A 255 5.17 22.94 -0.60
N CYS A 256 6.01 23.01 0.44
CA CYS A 256 5.47 23.13 1.80
C CYS A 256 4.85 24.50 2.08
N LEU A 257 5.12 25.50 1.25
CA LEU A 257 4.51 26.83 1.39
C LEU A 257 3.23 26.99 0.61
N VAL A 258 2.75 25.94 -0.08
CA VAL A 258 1.67 26.13 -1.04
C VAL A 258 0.44 26.71 -0.38
N LYS A 259 -0.08 27.80 -0.95
CA LYS A 259 -1.30 28.40 -0.43
C LYS A 259 -2.46 27.66 -1.08
N VAL A 260 -2.90 26.57 -0.44
CA VAL A 260 -3.96 25.73 -1.00
C VAL A 260 -5.23 26.57 -1.14
N ALA A 261 -5.85 26.53 -2.32
CA ALA A 261 -7.10 27.24 -2.59
C ALA A 261 -6.97 28.72 -2.24
N ASP A 262 -5.78 29.29 -2.45
CA ASP A 262 -5.47 30.68 -2.16
C ASP A 262 -6.63 31.61 -2.52
N PRO A 263 -7.27 32.24 -1.55
CA PRO A 263 -8.46 33.05 -1.87
C PRO A 263 -8.15 34.27 -2.72
N VAL A 264 -6.94 34.84 -2.58
CA VAL A 264 -6.60 35.99 -3.43
C VAL A 264 -6.46 35.54 -4.88
N PHE A 265 -5.75 34.43 -5.10
CA PHE A 265 -5.54 33.87 -6.43
C PHE A 265 -6.87 33.55 -7.11
N ILE A 266 -7.73 32.79 -6.43
CA ILE A 266 -9.02 32.40 -6.98
C ILE A 266 -9.94 33.61 -7.14
N GLY A 267 -9.96 34.51 -6.14
CA GLY A 267 -10.77 35.71 -6.28
C GLY A 267 -10.35 36.55 -7.48
N PHE A 268 -9.05 36.69 -7.68
CA PHE A 268 -8.54 37.38 -8.86
C PHE A 268 -8.97 36.69 -10.16
N ALA A 269 -8.76 35.37 -10.26
CA ALA A 269 -9.07 34.68 -11.50
C ALA A 269 -10.55 34.79 -11.81
N ALA A 270 -11.39 34.49 -10.82
CA ALA A 270 -12.84 34.59 -11.02
C ALA A 270 -13.24 36.01 -11.40
N SER A 271 -12.64 37.01 -10.76
CA SER A 271 -13.05 38.38 -11.04
C SER A 271 -12.55 38.86 -12.38
N LYS A 272 -11.38 38.40 -12.83
CA LYS A 272 -10.97 38.70 -14.20
C LYS A 272 -11.67 37.81 -15.22
N GLN A 273 -12.37 36.76 -14.76
CA GLN A 273 -13.10 35.83 -15.64
C GLN A 273 -12.16 35.11 -16.60
N VAL A 274 -10.96 34.80 -16.14
CA VAL A 274 -10.05 34.01 -16.94
C VAL A 274 -10.48 32.55 -16.91
N ASP A 275 -10.09 31.80 -17.95
CA ASP A 275 -10.34 30.37 -18.01
C ASP A 275 -9.26 29.58 -17.29
N ILE A 276 -8.02 30.03 -17.38
CA ILE A 276 -6.90 29.39 -16.69
C ILE A 276 -6.00 30.49 -16.15
N ALA A 277 -5.49 30.31 -14.94
CA ALA A 277 -4.48 31.18 -14.37
C ALA A 277 -3.36 30.31 -13.77
N THR A 278 -2.24 30.96 -13.45
CA THR A 278 -1.09 30.22 -12.97
C THR A 278 -0.16 31.18 -12.24
N LYS A 279 0.56 30.67 -11.24
CA LYS A 279 1.48 31.47 -10.45
C LYS A 279 2.92 31.24 -10.88
N VAL A 280 3.71 32.31 -10.88
CA VAL A 280 5.14 32.24 -11.15
C VAL A 280 5.90 32.96 -10.04
N VAL A 281 7.18 32.63 -9.90
CA VAL A 281 8.09 33.45 -9.11
C VAL A 281 9.25 33.79 -10.02
N ARG A 282 9.99 34.82 -9.66
CA ARG A 282 11.19 35.18 -10.40
C ARG A 282 12.19 34.04 -10.36
N LYS A 283 12.65 33.60 -11.53
CA LYS A 283 13.61 32.51 -11.59
C LYS A 283 14.87 32.91 -10.80
N ARG A 284 15.44 31.96 -10.03
CA ARG A 284 16.53 32.39 -9.15
C ARG A 284 17.87 32.49 -9.88
N ASN A 285 18.11 31.65 -10.88
CA ASN A 285 19.28 31.78 -11.74
C ASN A 285 18.98 31.01 -13.02
N ALA A 286 19.95 30.96 -13.92
CA ALA A 286 19.69 30.43 -15.26
C ALA A 286 19.49 28.92 -15.26
N THR A 287 20.09 28.21 -14.32
CA THR A 287 20.06 26.76 -14.30
C THR A 287 18.96 26.20 -13.40
N GLU A 288 18.11 27.04 -12.82
CA GLU A 288 17.11 26.54 -11.91
C GLU A 288 16.21 25.57 -12.67
N SER A 289 15.90 24.43 -12.04
CA SER A 289 15.11 23.38 -12.69
C SER A 289 13.63 23.73 -12.59
N VAL A 290 13.23 24.73 -13.37
CA VAL A 290 11.84 25.17 -13.39
C VAL A 290 11.41 25.40 -14.81
N GLY A 291 10.17 25.05 -15.12
CA GLY A 291 9.56 25.48 -16.36
C GLY A 291 9.40 26.99 -16.40
N LEU A 292 9.53 27.54 -17.61
CA LEU A 292 9.42 28.97 -17.82
C LEU A 292 8.14 29.24 -18.59
N ILE A 293 7.37 30.19 -18.12
CA ILE A 293 6.09 30.53 -18.72
C ILE A 293 6.29 31.74 -19.62
N LEU A 294 5.75 31.67 -20.84
CA LEU A 294 6.03 32.69 -21.85
C LEU A 294 4.98 32.63 -22.95
N GLN A 295 5.20 33.40 -24.01
CA GLN A 295 4.32 33.46 -25.17
C GLN A 295 5.03 32.75 -26.32
N LYS A 296 4.48 31.63 -26.77
CA LYS A 296 5.10 30.80 -27.79
C LYS A 296 4.18 30.76 -29.00
N ASN A 297 4.66 31.26 -30.14
CA ASN A 297 3.86 31.34 -31.36
C ASN A 297 2.49 31.97 -31.07
N GLY A 298 2.50 33.03 -30.27
CA GLY A 298 1.31 33.82 -30.01
C GLY A 298 0.40 33.32 -28.92
N LYS A 299 0.76 32.26 -28.20
CA LYS A 299 -0.09 31.66 -27.19
C LYS A 299 0.63 31.55 -25.85
N PRO A 300 -0.13 31.42 -24.75
CA PRO A 300 0.51 31.08 -23.46
C PRO A 300 1.16 29.72 -23.58
N ASP A 301 2.33 29.58 -22.98
CA ASP A 301 3.02 28.30 -23.09
C ASP A 301 4.07 28.20 -21.99
N VAL A 302 4.57 26.99 -21.80
CA VAL A 302 5.67 26.71 -20.88
C VAL A 302 6.75 25.96 -21.63
N VAL A 303 8.00 26.30 -21.37
CA VAL A 303 9.14 25.51 -21.80
C VAL A 303 9.74 24.85 -20.57
N GLU A 304 9.68 23.52 -20.52
CA GLU A 304 10.19 22.79 -19.37
C GLU A 304 11.71 22.87 -19.30
N TYR A 305 12.25 22.86 -18.08
CA TYR A 305 13.68 23.05 -17.89
C TYR A 305 14.50 21.97 -18.59
N SER A 306 13.93 20.78 -18.74
CA SER A 306 14.54 19.63 -19.41
C SER A 306 14.45 19.70 -20.91
N GLU A 307 13.89 20.76 -21.49
CA GLU A 307 13.76 20.86 -22.93
C GLU A 307 14.18 22.22 -23.46
N ILE A 308 14.60 23.14 -22.61
CA ILE A 308 15.04 24.46 -23.05
C ILE A 308 16.49 24.35 -23.49
N ASP A 309 16.88 25.16 -24.46
CA ASP A 309 18.27 25.21 -24.89
C ASP A 309 19.04 26.28 -24.13
N LYS A 310 20.36 26.06 -24.01
CA LYS A 310 21.22 26.97 -23.28
C LYS A 310 21.05 28.39 -23.77
N GLU A 311 20.77 28.55 -25.07
CA GLU A 311 20.49 29.85 -25.66
C GLU A 311 19.41 30.62 -24.91
N THR A 312 18.16 30.13 -24.97
CA THR A 312 17.07 30.94 -24.45
C THR A 312 17.07 30.97 -22.90
N ALA A 313 17.60 29.93 -22.25
CA ALA A 313 17.74 29.96 -20.80
C ALA A 313 18.71 31.04 -20.37
N GLU A 314 19.76 31.29 -21.16
CA GLU A 314 20.75 32.32 -20.83
C GLU A 314 20.43 33.67 -21.45
N ALA A 315 19.39 33.75 -22.28
CA ALA A 315 19.08 35.01 -22.97
C ALA A 315 18.82 36.10 -21.96
N LYS A 316 19.20 37.33 -22.32
CA LYS A 316 19.16 38.45 -21.39
C LYS A 316 18.17 39.51 -21.85
N ASP A 317 17.72 40.29 -20.90
CA ASP A 317 16.84 41.41 -21.20
C ASP A 317 17.62 42.45 -22.01
N PRO A 318 17.06 42.95 -23.13
CA PRO A 318 17.82 43.91 -23.95
C PRO A 318 18.28 45.15 -23.19
N LYS A 319 17.45 45.68 -22.29
CA LYS A 319 17.81 46.89 -21.56
C LYS A 319 18.55 46.60 -20.25
N GLN A 320 18.40 45.41 -19.69
CA GLN A 320 19.02 45.06 -18.41
C GLN A 320 19.92 43.85 -18.62
N PRO A 321 21.20 44.07 -18.94
CA PRO A 321 22.05 42.97 -19.46
C PRO A 321 22.36 41.86 -18.47
N ASP A 322 21.99 42.00 -17.20
CA ASP A 322 22.21 40.92 -16.24
C ASP A 322 20.91 40.33 -15.70
N VAL A 323 19.76 40.61 -16.30
CA VAL A 323 18.54 39.92 -15.91
C VAL A 323 18.13 39.01 -17.05
N LEU A 324 17.62 37.83 -16.69
CA LEU A 324 17.26 36.84 -17.68
C LEU A 324 16.03 37.27 -18.44
N LYS A 325 16.07 37.16 -19.77
CA LYS A 325 14.92 37.56 -20.58
C LYS A 325 13.68 36.75 -20.22
N PHE A 326 13.86 35.47 -19.94
CA PHE A 326 12.76 34.58 -19.59
C PHE A 326 12.98 34.17 -18.15
N ARG A 327 12.15 34.71 -17.24
CA ARG A 327 12.36 34.46 -15.82
C ARG A 327 11.07 34.16 -15.06
N ALA A 328 9.97 33.83 -15.77
CA ALA A 328 8.68 33.50 -15.13
C ALA A 328 8.68 32.02 -14.76
N ALA A 329 9.15 31.70 -13.56
CA ALA A 329 9.34 30.31 -13.18
C ALA A 329 8.03 29.70 -12.71
N ASN A 330 7.66 28.58 -13.34
CA ASN A 330 6.43 27.85 -12.99
C ASN A 330 6.56 27.21 -11.61
N ILE A 331 5.64 27.54 -10.69
CA ILE A 331 5.63 26.95 -9.35
C ILE A 331 4.45 25.97 -9.19
N VAL A 332 3.89 25.48 -10.31
CA VAL A 332 2.88 24.43 -10.34
C VAL A 332 1.69 24.79 -9.45
N ASN A 333 1.15 25.98 -9.68
CA ASN A 333 0.00 26.47 -8.93
C ASN A 333 -0.96 27.03 -9.99
N HIS A 334 -1.95 26.23 -10.38
CA HIS A 334 -2.81 26.56 -11.49
C HIS A 334 -4.25 26.77 -11.04
N TYR A 335 -4.95 27.69 -11.71
CA TYR A 335 -6.39 27.88 -11.60
C TYR A 335 -7.08 27.42 -12.89
N TYR A 336 -8.22 26.72 -12.77
CA TYR A 336 -9.06 26.42 -13.92
C TYR A 336 -10.52 26.75 -13.63
N SER A 337 -11.20 27.29 -14.62
CA SER A 337 -12.65 27.33 -14.57
CA SER A 337 -12.65 27.34 -14.57
C SER A 337 -13.19 25.94 -14.84
N PHE A 338 -14.25 25.55 -14.10
CA PHE A 338 -14.77 24.20 -14.28
C PHE A 338 -15.20 23.96 -15.73
N LYS A 339 -15.83 24.96 -16.35
CA LYS A 339 -16.18 24.95 -17.77
C LYS A 339 -15.10 24.28 -18.63
N PHE A 340 -13.83 24.59 -18.37
CA PHE A 340 -12.77 23.95 -19.13
C PHE A 340 -12.78 22.44 -18.96
N PHE A 341 -13.04 21.94 -17.75
CA PHE A 341 -13.00 20.48 -17.56
C PHE A 341 -14.13 19.78 -18.29
N GLU A 342 -15.19 20.51 -18.62
CA GLU A 342 -16.33 19.91 -19.32
C GLU A 342 -15.98 19.37 -20.69
N SER A 343 -14.87 19.81 -21.28
CA SER A 343 -14.50 19.37 -22.63
C SER A 343 -13.24 18.52 -22.65
N ILE A 344 -12.84 17.93 -21.52
CA ILE A 344 -11.66 17.08 -21.47
C ILE A 344 -11.67 16.03 -22.59
N GLU A 345 -12.83 15.44 -22.85
CA GLU A 345 -12.97 14.50 -23.97
C GLU A 345 -12.48 15.08 -25.29
N LEU A 346 -12.64 16.39 -25.48
CA LEU A 346 -12.27 16.97 -26.77
C LEU A 346 -10.78 17.23 -26.89
N TRP A 347 -10.07 17.52 -25.79
CA TRP A 347 -8.71 17.99 -25.91
C TRP A 347 -7.65 17.21 -25.13
N ALA A 348 -8.03 16.31 -24.21
CA ALA A 348 -7.00 15.66 -23.39
C ALA A 348 -6.04 14.83 -24.24
N HIS A 349 -6.56 14.12 -25.24
CA HIS A 349 -5.74 13.32 -26.14
C HIS A 349 -4.88 14.16 -27.07
N LYS A 350 -5.07 15.48 -27.12
CA LYS A 350 -4.16 16.34 -27.86
C LYS A 350 -2.86 16.63 -27.12
N LEU A 351 -2.74 16.29 -25.85
CA LEU A 351 -1.56 16.69 -25.07
C LEU A 351 -0.35 15.87 -25.53
N PRO A 352 0.76 16.51 -25.88
CA PRO A 352 1.90 15.76 -26.43
C PRO A 352 2.54 14.88 -25.37
N HIS A 353 3.29 13.88 -25.84
CA HIS A 353 3.99 12.97 -24.95
C HIS A 353 5.46 13.36 -24.91
N HIS A 354 5.91 13.81 -23.74
CA HIS A 354 7.30 14.14 -23.54
C HIS A 354 8.11 12.88 -23.27
N VAL A 355 9.36 12.87 -23.71
CA VAL A 355 10.18 11.67 -23.72
C VAL A 355 11.38 11.85 -22.79
N ALA A 356 11.63 10.86 -21.94
CA ALA A 356 12.87 10.79 -21.19
C ALA A 356 13.51 9.41 -21.29
N ARG A 357 14.80 9.37 -21.57
CA ARG A 357 15.51 8.10 -21.58
C ARG A 357 15.69 7.60 -20.15
N LYS A 358 15.50 6.30 -19.94
CA LYS A 358 15.54 5.73 -18.60
C LYS A 358 16.28 4.41 -18.61
N LYS A 359 16.93 4.12 -17.49
CA LYS A 359 17.34 2.77 -17.17
C LYS A 359 16.14 2.05 -16.57
N ILE A 360 15.67 1.00 -17.24
CA ILE A 360 14.42 0.35 -16.85
C ILE A 360 14.71 -1.11 -16.56
N PRO A 361 14.68 -1.52 -15.29
CA PRO A 361 14.92 -2.94 -14.97
C PRO A 361 13.89 -3.81 -15.69
N CYS A 362 14.38 -4.82 -16.39
CA CYS A 362 13.54 -5.65 -17.25
C CYS A 362 14.19 -7.02 -17.39
N ILE A 363 13.51 -7.93 -18.06
CA ILE A 363 14.03 -9.27 -18.27
C ILE A 363 14.34 -9.48 -19.74
N LYS A 364 15.50 -10.10 -19.98
CA LYS A 364 15.82 -10.77 -21.24
C LYS A 364 16.58 -12.01 -20.79
N GLU A 365 15.85 -13.12 -20.59
CA GLU A 365 16.34 -14.32 -19.91
C GLU A 365 16.86 -13.97 -18.52
N GLY A 366 15.94 -13.53 -17.66
CA GLY A 366 16.29 -13.11 -16.33
C GLY A 366 16.30 -11.60 -16.19
N THR A 367 16.05 -11.12 -14.96
CA THR A 367 15.89 -9.69 -14.70
C THR A 367 17.24 -8.97 -14.64
N GLY A 368 17.24 -7.72 -15.12
CA GLY A 368 18.42 -6.88 -15.07
C GLY A 368 18.96 -6.49 -16.44
N PRO A 373 20.49 -3.32 -16.08
CA PRO A 373 20.64 -2.34 -17.16
C PRO A 373 21.63 -1.23 -16.80
N GLU A 374 22.82 -1.26 -17.41
CA GLU A 374 23.86 -0.29 -17.08
C GLU A 374 23.54 1.07 -17.66
N LYS A 375 23.35 1.13 -18.97
CA LYS A 375 23.02 2.32 -19.71
C LYS A 375 21.52 2.33 -20.05
N PRO A 376 20.95 3.48 -20.39
CA PRO A 376 19.49 3.55 -20.62
C PRO A 376 19.05 2.61 -21.75
N ASN A 377 18.09 1.75 -21.44
CA ASN A 377 17.58 0.79 -22.42
C ASN A 377 16.23 1.19 -23.01
N GLY A 378 15.59 2.23 -22.49
CA GLY A 378 14.31 2.59 -23.01
C GLY A 378 13.90 4.00 -22.61
N ILE A 379 12.63 4.31 -22.84
CA ILE A 379 12.11 5.64 -22.60
C ILE A 379 10.83 5.54 -21.81
N LYS A 380 10.53 6.64 -21.12
CA LYS A 380 9.25 6.82 -20.47
CA LYS A 380 9.28 6.84 -20.44
C LYS A 380 8.55 8.02 -21.10
N LEU A 381 7.23 7.91 -21.24
CA LEU A 381 6.41 8.94 -21.84
C LEU A 381 5.57 9.64 -20.78
N GLU A 382 5.47 10.97 -20.89
CA GLU A 382 4.75 11.75 -19.89
C GLU A 382 4.03 12.90 -20.57
N GLN A 383 2.80 13.13 -20.15
CA GLN A 383 2.12 14.38 -20.46
C GLN A 383 2.32 15.37 -19.31
N PHE A 384 2.38 16.65 -19.64
CA PHE A 384 2.60 17.71 -18.66
C PHE A 384 1.33 18.51 -18.46
N VAL A 385 1.08 18.88 -17.22
CA VAL A 385 -0.18 19.54 -16.89
C VAL A 385 -0.26 20.93 -17.53
N PHE A 386 0.88 21.60 -17.73
CA PHE A 386 0.80 22.94 -18.28
C PHE A 386 0.58 22.93 -19.80
N ASP A 387 0.55 21.77 -20.44
CA ASP A 387 0.41 21.84 -21.89
C ASP A 387 -1.00 22.18 -22.33
N VAL A 388 -1.93 22.46 -21.41
CA VAL A 388 -3.19 23.07 -21.77
C VAL A 388 -3.08 24.58 -21.99
N PHE A 389 -1.97 25.21 -21.58
CA PHE A 389 -1.89 26.67 -21.69
C PHE A 389 -2.04 27.16 -23.12
N PRO A 390 -1.43 26.55 -24.14
CA PRO A 390 -1.66 27.03 -25.53
C PRO A 390 -3.09 26.81 -26.02
N MET A 391 -3.92 26.13 -25.26
CA MET A 391 -5.35 26.04 -25.57
C MET A 391 -6.12 27.27 -25.13
N THR A 392 -5.47 28.18 -24.35
CA THR A 392 -6.10 29.30 -23.67
C THR A 392 -5.85 30.58 -24.44
N PRO A 393 -6.89 31.33 -24.81
CA PRO A 393 -6.66 32.67 -25.38
C PRO A 393 -5.89 33.55 -24.40
N LEU A 394 -4.98 34.35 -24.95
CA LEU A 394 -4.16 35.24 -24.11
C LEU A 394 -5.02 36.09 -23.19
N GLU A 395 -6.09 36.67 -23.70
CA GLU A 395 -6.94 37.48 -22.84
C GLU A 395 -7.77 36.66 -21.89
N LYS A 396 -7.71 35.34 -21.94
CA LYS A 396 -8.35 34.46 -20.97
C LYS A 396 -7.35 33.74 -20.09
N PHE A 397 -6.10 34.23 -20.04
CA PHE A 397 -5.00 33.61 -19.31
C PHE A 397 -4.41 34.66 -18.37
N ALA A 398 -4.03 34.26 -17.17
CA ALA A 398 -3.34 35.17 -16.26
C ALA A 398 -2.16 34.47 -15.61
N CYS A 399 -1.00 35.10 -15.75
CA CYS A 399 0.25 34.62 -15.20
C CYS A 399 0.65 35.61 -14.12
N ILE A 400 0.60 35.17 -12.86
CA ILE A 400 0.66 36.06 -11.70
C ILE A 400 1.95 35.81 -10.96
N GLU A 401 2.77 36.84 -10.85
CA GLU A 401 3.97 36.76 -10.03
C GLU A 401 3.60 36.80 -8.56
N VAL A 402 4.24 35.94 -7.77
CA VAL A 402 4.08 35.92 -6.32
C VAL A 402 5.47 35.88 -5.68
N ARG A 403 5.48 36.03 -4.35
CA ARG A 403 6.73 36.03 -3.60
C ARG A 403 7.17 34.62 -3.30
N ARG A 404 8.34 34.24 -3.82
CA ARG A 404 8.92 32.93 -3.53
C ARG A 404 8.88 32.63 -2.03
N GLU A 405 9.29 33.60 -1.21
CA GLU A 405 9.48 33.27 0.21
C GLU A 405 8.16 33.06 0.95
N ASP A 406 7.03 33.39 0.33
CA ASP A 406 5.72 33.11 0.88
C ASP A 406 5.00 31.97 0.18
N GLU A 407 5.45 31.57 -1.02
CA GLU A 407 4.61 30.72 -1.86
C GLU A 407 5.29 29.52 -2.47
N PHE A 408 6.62 29.40 -2.42
CA PHE A 408 7.28 28.36 -3.20
C PHE A 408 8.53 27.89 -2.47
N SER A 409 8.44 26.72 -1.83
CA SER A 409 9.59 26.09 -1.19
C SER A 409 9.53 24.59 -1.46
N PRO A 410 10.07 24.14 -2.59
CA PRO A 410 9.82 22.75 -3.00
C PRO A 410 10.79 21.79 -2.34
N LEU A 411 10.28 20.59 -2.09
CA LEU A 411 11.11 19.48 -1.59
C LEU A 411 11.45 18.62 -2.80
N LYS A 412 12.59 18.93 -3.43
CA LYS A 412 13.06 18.11 -4.55
C LYS A 412 14.14 17.13 -4.15
N ASN A 413 14.96 17.45 -3.16
CA ASN A 413 16.20 16.73 -2.91
C ASN A 413 16.26 16.22 -1.49
N ALA A 414 17.04 15.16 -1.31
CA ALA A 414 17.28 14.62 0.00
C ALA A 414 18.10 15.58 0.83
N ARG A 415 18.09 15.34 2.15
CA ARG A 415 18.81 16.18 3.10
C ARG A 415 20.29 16.24 2.74
N GLY A 416 20.92 17.35 3.10
CA GLY A 416 22.32 17.49 2.76
C GLY A 416 22.60 17.78 1.31
N THR A 417 21.59 18.25 0.57
CA THR A 417 21.85 18.76 -0.77
C THR A 417 22.31 20.20 -0.73
N GLY A 418 21.58 21.07 -0.03
CA GLY A 418 21.84 22.50 0.01
C GLY A 418 20.66 23.35 -0.43
N GLU A 419 19.82 22.82 -1.32
CA GLU A 419 18.68 23.59 -1.80
C GLU A 419 17.55 22.65 -2.17
N ASP A 420 16.34 23.21 -2.14
CA ASP A 420 15.11 22.48 -2.47
C ASP A 420 15.04 21.16 -1.71
N ASP A 421 15.38 21.19 -0.43
CA ASP A 421 15.48 19.95 0.33
C ASP A 421 14.75 20.10 1.67
N PRO A 422 14.79 19.11 2.57
CA PRO A 422 13.98 19.27 3.80
C PRO A 422 14.42 20.42 4.68
N ASP A 423 15.71 20.78 4.65
CA ASP A 423 16.22 21.86 5.49
C ASP A 423 15.75 23.22 4.99
N THR A 424 15.80 23.45 3.68
CA THR A 424 15.29 24.70 3.14
C THR A 424 13.78 24.80 3.34
N SER A 425 13.06 23.69 3.15
CA SER A 425 11.63 23.68 3.40
C SER A 425 11.33 24.10 4.84
N LYS A 426 11.99 23.46 5.81
CA LYS A 426 11.77 23.80 7.21
C LYS A 426 12.16 25.24 7.50
N ARG A 427 13.30 25.67 6.98
CA ARG A 427 13.71 27.07 7.16
C ARG A 427 12.66 28.02 6.60
N ASP A 428 12.12 27.73 5.41
CA ASP A 428 11.20 28.68 4.80
C ASP A 428 9.88 28.74 5.56
N ILE A 429 9.36 27.59 6.01
CA ILE A 429 8.14 27.57 6.83
C ILE A 429 8.32 28.39 8.11
N MET A 430 9.45 28.21 8.80
CA MET A 430 9.58 28.87 10.09
C MET A 430 9.99 30.32 9.96
N SER A 431 10.65 30.70 8.87
CA SER A 431 10.82 32.12 8.61
C SER A 431 9.47 32.78 8.32
N GLN A 432 8.61 32.11 7.54
CA GLN A 432 7.27 32.63 7.31
C GLN A 432 6.53 32.87 8.62
N GLY A 433 6.59 31.89 9.54
CA GLY A 433 5.87 32.08 10.79
C GLY A 433 6.38 33.26 11.59
N GLN A 434 7.69 33.34 11.78
CA GLN A 434 8.29 34.46 12.48
C GLN A 434 7.87 35.79 11.86
N ARG A 435 7.97 35.90 10.53
CA ARG A 435 7.64 37.16 9.87
C ARG A 435 6.19 37.55 10.15
N TRP A 436 5.27 36.58 10.04
CA TRP A 436 3.86 36.82 10.37
C TRP A 436 3.70 37.30 11.82
N ILE A 437 4.33 36.60 12.77
CA ILE A 437 4.23 36.96 14.18
C ILE A 437 4.78 38.37 14.41
N GLU A 438 5.88 38.72 13.74
CA GLU A 438 6.43 40.06 13.90
C GLU A 438 5.51 41.11 13.31
N LYS A 439 4.88 40.80 12.18
CA LYS A 439 3.91 41.71 11.59
C LYS A 439 2.77 42.00 12.56
N ALA A 440 2.32 40.99 13.31
CA ALA A 440 1.24 41.18 14.28
C ALA A 440 1.70 41.77 15.61
N GLY A 441 2.97 42.12 15.75
CA GLY A 441 3.44 42.75 16.97
C GLY A 441 4.08 41.83 17.99
N GLY A 442 4.37 40.60 17.63
CA GLY A 442 5.04 39.70 18.54
C GLY A 442 6.54 39.87 18.47
N ILE A 443 7.21 39.44 19.54
CA ILE A 443 8.65 39.55 19.67
C ILE A 443 9.23 38.15 19.66
N VAL A 444 10.04 37.83 18.65
CA VAL A 444 10.72 36.55 18.56
C VAL A 444 12.15 36.74 19.02
N ILE A 445 12.62 35.87 19.92
CA ILE A 445 13.86 36.10 20.64
C ILE A 445 15.07 35.53 19.92
N THR A 446 15.13 34.21 19.73
CA THR A 446 16.32 33.57 19.13
C THR A 446 17.57 33.83 19.98
N VAL A 451 16.02 28.41 14.53
CA VAL A 451 15.50 29.75 14.27
C VAL A 451 14.10 29.69 13.64
N GLY A 452 13.36 30.78 13.78
CA GLY A 452 12.02 30.87 13.22
C GLY A 452 10.97 30.34 14.17
N VAL A 453 9.73 30.36 13.68
CA VAL A 453 8.59 29.86 14.46
C VAL A 453 7.64 29.18 13.50
N GLU A 454 7.22 27.95 13.84
CA GLU A 454 6.18 27.26 13.07
C GLU A 454 4.81 27.73 13.53
N VAL A 455 3.99 28.22 12.60
CA VAL A 455 2.64 28.67 12.90
C VAL A 455 1.67 27.70 12.25
N SER A 456 0.91 26.99 13.09
CA SER A 456 -0.05 26.02 12.57
C SER A 456 -0.99 26.69 11.57
N PRO A 457 -1.34 26.02 10.47
CA PRO A 457 -2.39 26.59 9.61
C PRO A 457 -3.71 26.74 10.36
N LEU A 458 -3.96 25.90 11.36
CA LEU A 458 -5.20 26.05 12.11
C LEU A 458 -5.21 27.33 12.93
N ILE A 459 -4.04 27.90 13.20
CA ILE A 459 -3.96 29.21 13.86
C ILE A 459 -4.02 30.33 12.86
N SER A 460 -3.26 30.21 11.77
CA SER A 460 -3.19 31.28 10.78
C SER A 460 -2.98 30.66 9.40
N TYR A 461 -3.89 30.97 8.46
CA TYR A 461 -3.72 30.51 7.08
C TYR A 461 -2.60 31.27 6.37
N GLY A 462 -2.60 32.59 6.50
CA GLY A 462 -1.68 33.41 5.74
C GLY A 462 -1.22 34.69 6.42
N GLY A 463 -1.10 34.69 7.75
CA GLY A 463 -0.72 35.86 8.52
C GLY A 463 -1.82 36.39 9.41
N GLU A 464 -3.08 36.08 9.11
CA GLU A 464 -4.19 36.65 9.85
C GLU A 464 -4.36 35.91 11.19
N GLY A 465 -5.09 36.56 12.10
CA GLY A 465 -5.45 35.92 13.35
C GLY A 465 -4.32 35.76 14.35
N LEU A 466 -3.30 36.62 14.30
CA LEU A 466 -2.21 36.53 15.26
C LEU A 466 -2.20 37.70 16.25
N GLU A 467 -3.27 38.51 16.29
CA GLU A 467 -3.32 39.66 17.19
C GLU A 467 -3.06 39.26 18.64
N PHE A 468 -3.48 38.06 19.04
CA PHE A 468 -3.27 37.60 20.41
C PHE A 468 -1.81 37.45 20.78
N LEU A 469 -0.90 37.53 19.80
CA LEU A 469 0.53 37.46 20.09
C LEU A 469 1.18 38.83 20.23
N LYS A 470 0.41 39.90 20.08
CA LYS A 470 0.96 41.26 20.10
C LYS A 470 1.61 41.57 21.45
N GLY A 471 2.81 42.15 21.40
CA GLY A 471 3.55 42.48 22.60
C GLY A 471 4.17 41.31 23.33
N ARG A 472 3.84 40.07 22.97
CA ARG A 472 4.38 38.90 23.66
C ARG A 472 5.74 38.53 23.07
N GLU A 473 6.57 37.90 23.90
CA GLU A 473 7.88 37.44 23.49
C GLU A 473 7.85 35.94 23.22
N ILE A 474 8.35 35.54 22.06
CA ILE A 474 8.41 34.13 21.68
C ILE A 474 9.87 33.75 21.49
N LYS A 475 10.30 32.70 22.18
CA LYS A 475 11.67 32.21 22.06
C LYS A 475 11.75 31.21 20.92
N ALA A 476 12.55 31.51 19.91
CA ALA A 476 12.73 30.62 18.77
C ALA A 476 13.73 29.52 19.12
N PRO A 477 13.52 28.28 18.62
CA PRO A 477 12.37 27.88 17.80
C PRO A 477 11.13 27.67 18.65
N ALA A 478 9.96 27.84 18.05
CA ALA A 478 8.70 27.71 18.77
C ALA A 478 7.67 27.13 17.81
N PHE A 479 6.50 26.81 18.36
CA PHE A 479 5.44 26.21 17.57
C PHE A 479 4.12 26.71 18.13
N ILE A 480 3.33 27.40 17.31
CA ILE A 480 2.08 28.03 17.74
C ILE A 480 0.92 27.17 17.26
N GLU A 481 0.15 26.59 18.19
CA GLU A 481 -1.07 25.82 17.89
C GLU A 481 -2.21 26.19 18.85
N LYS A 482 -3.26 25.39 18.82
CA LYS A 482 -4.50 25.64 19.59
C LYS A 482 -4.48 25.08 21.01
N GLY B 1 18.92 -52.63 12.18
CA GLY B 1 18.08 -52.37 11.02
C GLY B 1 16.95 -53.37 10.86
N PRO B 2 16.39 -53.43 9.65
CA PRO B 2 15.37 -54.44 9.34
C PRO B 2 15.94 -55.72 8.74
N SER B 3 15.22 -56.81 8.95
CA SER B 3 15.62 -58.10 8.38
C SER B 3 15.35 -58.11 6.88
N ALA B 4 16.10 -58.96 6.17
CA ALA B 4 15.88 -59.11 4.74
C ALA B 4 14.43 -59.50 4.47
N GLU B 5 13.82 -60.24 5.40
CA GLU B 5 12.43 -60.67 5.20
C GLU B 5 11.48 -59.49 5.23
N GLU B 6 11.46 -58.73 6.33
CA GLU B 6 10.54 -57.61 6.40
C GLU B 6 10.88 -56.56 5.35
N PHE B 7 12.16 -56.41 5.00
CA PHE B 7 12.54 -55.49 3.96
C PHE B 7 11.92 -55.88 2.63
N GLN B 8 12.03 -57.17 2.25
CA GLN B 8 11.44 -57.60 1.00
C GLN B 8 9.91 -57.56 1.07
N GLN B 9 9.33 -57.72 2.26
CA GLN B 9 7.88 -57.56 2.38
C GLN B 9 7.46 -56.13 2.07
N LEU B 10 8.19 -55.16 2.61
CA LEU B 10 7.92 -53.77 2.25
C LEU B 10 8.05 -53.58 0.75
N ARG B 11 9.09 -54.17 0.16
CA ARG B 11 9.36 -53.94 -1.25
C ARG B 11 8.27 -54.51 -2.15
N LYS B 12 7.72 -55.67 -1.78
CA LYS B 12 6.59 -56.22 -2.53
C LYS B 12 5.35 -55.33 -2.36
N LYS B 13 5.16 -54.79 -1.16
CA LYS B 13 4.07 -53.85 -0.93
C LYS B 13 4.17 -52.67 -1.90
N TYR B 14 5.35 -52.06 -1.98
CA TYR B 14 5.52 -50.91 -2.85
C TYR B 14 5.49 -51.32 -4.32
N THR B 15 6.10 -52.46 -4.65
CA THR B 15 6.14 -52.87 -6.06
C THR B 15 4.75 -53.26 -6.55
N ASP B 16 3.98 -53.98 -5.73
CA ASP B 16 2.62 -54.32 -6.14
C ASP B 16 1.74 -53.10 -6.34
N ALA B 17 2.07 -51.98 -5.70
CA ALA B 17 1.30 -50.75 -5.82
C ALA B 17 1.85 -49.83 -6.89
N GLY B 18 2.79 -50.29 -7.70
CA GLY B 18 3.28 -49.46 -8.79
C GLY B 18 4.32 -48.46 -8.38
N GLN B 19 4.91 -48.63 -7.20
CA GLN B 19 5.89 -47.70 -6.66
C GLN B 19 7.17 -48.42 -6.28
N GLY B 20 7.48 -49.52 -6.97
CA GLY B 20 8.69 -50.29 -6.65
C GLY B 20 9.99 -49.59 -7.02
N HIS B 21 9.93 -48.54 -7.82
CA HIS B 21 11.12 -47.80 -8.20
C HIS B 21 11.79 -47.14 -7.00
N VAL B 22 11.08 -46.97 -5.87
CA VAL B 22 11.71 -46.32 -4.72
C VAL B 22 12.80 -47.19 -4.13
N PHE B 23 12.89 -48.45 -4.55
CA PHE B 23 13.94 -49.36 -4.14
C PHE B 23 15.06 -49.47 -5.17
N ALA B 24 15.05 -48.64 -6.21
CA ALA B 24 15.93 -48.85 -7.36
C ALA B 24 17.41 -48.80 -6.99
N PHE B 25 17.78 -47.99 -5.99
CA PHE B 25 19.19 -47.82 -5.66
C PHE B 25 19.58 -48.54 -4.38
N VAL B 26 18.77 -49.50 -3.91
CA VAL B 26 19.08 -50.17 -2.65
C VAL B 26 20.37 -50.96 -2.74
N ASP B 27 20.78 -51.35 -3.94
CA ASP B 27 22.05 -52.03 -4.10
C ASP B 27 23.22 -51.14 -3.68
N GLU B 28 23.09 -49.82 -3.83
CA GLU B 28 24.20 -48.91 -3.56
C GLU B 28 24.24 -48.42 -2.13
N LEU B 29 23.09 -48.33 -1.46
CA LEU B 29 23.04 -47.67 -0.17
C LEU B 29 23.87 -48.44 0.86
N GLN B 30 24.64 -47.70 1.66
CA GLN B 30 25.26 -48.30 2.83
C GLN B 30 24.17 -48.78 3.77
N THR B 31 24.49 -49.79 4.58
CA THR B 31 23.47 -50.46 5.37
C THR B 31 22.71 -49.49 6.28
N GLY B 32 23.31 -48.34 6.64
CA GLY B 32 22.57 -47.35 7.42
C GLY B 32 21.50 -46.65 6.61
N GLU B 33 21.83 -46.29 5.36
CA GLU B 33 20.88 -45.62 4.48
C GLU B 33 19.75 -46.56 4.06
N ARG B 34 19.99 -47.87 4.06
CA ARG B 34 18.93 -48.84 3.84
C ARG B 34 17.90 -48.79 4.97
N SER B 35 18.38 -48.60 6.21
CA SER B 35 17.47 -48.51 7.36
C SER B 35 16.65 -47.23 7.32
N GLN B 36 17.27 -46.12 6.94
CA GLN B 36 16.55 -44.85 6.79
C GLN B 36 15.39 -45.00 5.80
N LEU B 37 15.71 -45.42 4.58
CA LEU B 37 14.68 -45.66 3.56
C LEU B 37 13.60 -46.58 4.09
N PHE B 38 13.99 -47.71 4.69
CA PHE B 38 13.01 -48.69 5.13
C PHE B 38 12.01 -48.09 6.12
N HIS B 39 12.47 -47.25 7.04
CA HIS B 39 11.55 -46.75 8.04
C HIS B 39 10.71 -45.60 7.51
N GLN B 40 11.29 -44.74 6.68
CA GLN B 40 10.49 -43.70 6.03
C GLN B 40 9.37 -44.31 5.20
N LEU B 41 9.70 -45.32 4.40
CA LEU B 41 8.72 -45.96 3.53
C LEU B 41 7.66 -46.73 4.31
N SER B 42 8.01 -47.24 5.50
CA SER B 42 7.03 -47.97 6.30
C SER B 42 5.98 -47.04 6.92
N SER B 43 6.19 -45.74 6.89
CA SER B 43 5.25 -44.78 7.46
C SER B 43 4.17 -44.36 6.46
N PHE B 44 4.34 -44.68 5.19
CA PHE B 44 3.35 -44.41 4.16
C PHE B 44 2.75 -45.72 3.66
N ASP B 45 1.47 -45.66 3.30
CA ASP B 45 0.74 -46.76 2.66
C ASP B 45 0.66 -46.46 1.18
N PRO B 46 1.48 -47.08 0.32
CA PRO B 46 1.52 -46.67 -1.09
C PRO B 46 0.16 -46.75 -1.78
N VAL B 47 -0.72 -47.64 -1.30
CA VAL B 47 -2.06 -47.72 -1.87
C VAL B 47 -2.84 -46.43 -1.58
N ARG B 48 -2.71 -45.90 -0.36
CA ARG B 48 -3.33 -44.62 -0.05
C ARG B 48 -2.74 -43.50 -0.90
N ILE B 49 -1.43 -43.49 -1.09
CA ILE B 49 -0.83 -42.48 -1.96
C ILE B 49 -1.45 -42.55 -3.35
N ASN B 50 -1.72 -43.77 -3.83
CA ASN B 50 -2.26 -43.97 -5.17
C ASN B 50 -3.66 -43.41 -5.30
N GLU B 51 -4.51 -43.69 -4.32
CA GLU B 51 -5.87 -43.16 -4.36
C GLU B 51 -5.86 -41.63 -4.30
N LEU B 52 -5.11 -41.06 -3.37
CA LEU B 52 -5.01 -39.61 -3.29
C LEU B 52 -4.47 -39.02 -4.58
N ALA B 53 -3.37 -39.57 -5.09
CA ALA B 53 -2.82 -39.05 -6.34
C ALA B 53 -3.82 -39.18 -7.47
N ASP B 54 -4.66 -40.22 -7.45
CA ASP B 54 -5.59 -40.41 -8.57
C ASP B 54 -6.80 -39.50 -8.47
N LYS B 55 -7.37 -39.33 -7.27
CA LYS B 55 -8.42 -38.31 -7.12
C LYS B 55 -7.88 -36.92 -7.45
N ALA B 56 -6.64 -36.64 -7.05
CA ALA B 56 -6.11 -35.29 -7.27
C ALA B 56 -5.87 -35.03 -8.75
N LEU B 57 -5.48 -36.05 -9.50
CA LEU B 57 -5.22 -35.88 -10.93
C LEU B 57 -6.45 -36.17 -11.79
N ASN B 58 -7.61 -36.45 -11.17
CA ASN B 58 -8.88 -36.52 -11.89
C ASN B 58 -9.96 -35.79 -11.10
N PRO B 59 -9.96 -34.46 -11.12
CA PRO B 59 -10.97 -33.63 -10.42
C PRO B 59 -12.41 -34.01 -10.74
N PRO B 66 -18.65 -21.50 -15.29
CA PRO B 66 -19.07 -20.09 -15.32
C PRO B 66 -19.63 -19.62 -13.98
N ALA B 67 -18.77 -19.49 -12.97
CA ALA B 67 -19.22 -19.30 -11.60
C ALA B 67 -19.66 -17.86 -11.35
N SER B 68 -20.62 -17.71 -10.44
CA SER B 68 -21.15 -16.41 -10.07
C SER B 68 -20.45 -15.91 -8.80
N LEU B 69 -20.05 -14.65 -8.81
CA LEU B 69 -19.30 -14.05 -7.70
C LEU B 69 -20.08 -12.85 -7.18
N GLU B 70 -20.25 -12.79 -5.87
CA GLU B 70 -20.93 -11.70 -5.20
C GLU B 70 -20.24 -11.45 -3.86
N PRO B 71 -20.19 -10.19 -3.42
CA PRO B 71 -19.66 -9.89 -2.09
C PRO B 71 -20.38 -10.69 -1.00
N LEU B 72 -19.68 -10.92 0.10
CA LEU B 72 -20.33 -11.49 1.28
C LEU B 72 -21.45 -10.57 1.74
N PRO B 73 -22.54 -11.14 2.28
CA PRO B 73 -23.69 -10.33 2.66
C PRO B 73 -23.32 -9.30 3.71
N ASP B 74 -23.93 -8.11 3.62
CA ASP B 74 -23.58 -7.04 4.55
C ASP B 74 -23.77 -7.45 6.01
N ILE B 75 -24.69 -8.37 6.28
CA ILE B 75 -24.86 -8.88 7.64
C ILE B 75 -23.59 -9.57 8.12
N ALA B 76 -22.79 -10.12 7.20
CA ALA B 76 -21.67 -10.99 7.57
C ALA B 76 -20.34 -10.26 7.68
N THR B 77 -20.30 -8.95 7.41
CA THR B 77 -19.04 -8.24 7.33
C THR B 77 -18.96 -7.10 8.32
N ALA B 78 -17.75 -6.84 8.82
CA ALA B 78 -17.43 -5.64 9.57
C ALA B 78 -16.10 -5.10 9.08
N SER B 79 -15.71 -3.93 9.58
CA SER B 79 -14.50 -3.30 9.10
C SER B 79 -13.93 -2.38 10.18
N ILE B 80 -12.67 -2.60 10.54
CA ILE B 80 -11.96 -1.65 11.39
C ILE B 80 -12.05 -0.25 10.79
N LEU B 81 -12.06 -0.15 9.46
CA LEU B 81 -12.04 1.15 8.81
C LEU B 81 -13.40 1.83 8.83
N ASP B 82 -14.49 1.07 8.62
CA ASP B 82 -15.79 1.69 8.42
C ASP B 82 -16.83 1.34 9.49
N SER B 83 -16.59 0.36 10.35
CA SER B 83 -17.61 0.03 11.33
C SER B 83 -17.73 1.14 12.37
N ASP B 84 -18.85 1.15 13.05
CA ASP B 84 -19.08 2.11 14.12
C ASP B 84 -18.04 1.85 15.21
N PRO B 85 -17.25 2.86 15.60
CA PRO B 85 -16.35 2.68 16.76
C PRO B 85 -17.00 2.04 17.97
N LYS B 86 -18.28 2.34 18.23
CA LYS B 86 -18.94 1.74 19.38
C LYS B 86 -18.94 0.23 19.28
N ASP B 87 -19.21 -0.30 18.09
CA ASP B 87 -19.16 -1.74 17.89
C ASP B 87 -17.74 -2.26 17.99
N LEU B 88 -16.77 -1.54 17.41
CA LEU B 88 -15.39 -1.97 17.52
C LEU B 88 -14.97 -2.08 18.98
N GLU B 89 -15.36 -1.11 19.80
CA GLU B 89 -14.94 -1.12 21.21
C GLU B 89 -15.67 -2.20 21.99
N GLN B 90 -16.95 -2.43 21.68
CA GLN B 90 -17.67 -3.52 22.32
C GLN B 90 -17.03 -4.85 21.98
N TRP B 91 -16.76 -5.10 20.69
CA TRP B 91 -16.11 -6.34 20.30
C TRP B 91 -14.77 -6.52 21.01
N TYR B 92 -13.95 -5.47 21.06
CA TYR B 92 -12.71 -5.55 21.83
C TYR B 92 -12.97 -5.99 23.27
N GLU B 93 -13.89 -5.32 23.97
CA GLU B 93 -14.14 -5.66 25.36
C GLU B 93 -14.62 -7.10 25.50
N GLU B 94 -15.53 -7.54 24.62
CA GLU B 94 -16.01 -8.90 24.74
C GLU B 94 -14.92 -9.90 24.40
N GLY B 95 -14.12 -9.65 23.36
CA GLY B 95 -13.05 -10.57 23.05
C GLY B 95 -12.04 -10.67 24.17
N LEU B 96 -11.74 -9.53 24.80
CA LEU B 96 -10.82 -9.56 25.93
C LEU B 96 -11.43 -10.32 27.11
N LYS B 97 -12.75 -10.26 27.26
CA LYS B 97 -13.38 -11.04 28.33
C LYS B 97 -13.28 -12.52 28.05
N LEU B 98 -13.37 -12.94 26.79
CA LEU B 98 -13.21 -14.35 26.46
C LEU B 98 -11.78 -14.81 26.74
N VAL B 99 -10.78 -13.98 26.42
CA VAL B 99 -9.41 -14.29 26.80
C VAL B 99 -9.30 -14.42 28.32
N ALA B 100 -9.95 -13.51 29.06
CA ALA B 100 -9.83 -13.50 30.52
C ALA B 100 -10.43 -14.75 31.14
N GLY B 101 -11.43 -15.35 30.49
CA GLY B 101 -12.02 -16.59 30.99
C GLY B 101 -11.36 -17.83 30.44
N ASN B 102 -10.16 -17.70 29.88
CA ASN B 102 -9.37 -18.83 29.41
C ASN B 102 -10.09 -19.62 28.32
N LYS B 103 -10.91 -18.97 27.51
CA LYS B 103 -11.65 -19.65 26.46
C LYS B 103 -11.03 -19.50 25.07
N VAL B 104 -9.91 -18.78 24.94
CA VAL B 104 -9.32 -18.48 23.65
C VAL B 104 -8.02 -19.25 23.51
N ALA B 105 -7.85 -19.94 22.38
CA ALA B 105 -6.62 -20.60 21.99
C ALA B 105 -6.14 -20.09 20.64
N VAL B 106 -4.87 -20.36 20.34
CA VAL B 106 -4.29 -20.04 19.05
C VAL B 106 -3.66 -21.29 18.44
N VAL B 107 -3.90 -21.52 17.16
CA VAL B 107 -3.19 -22.53 16.39
C VAL B 107 -2.33 -21.79 15.37
N LEU B 108 -1.02 -21.98 15.46
CA LEU B 108 -0.08 -21.33 14.56
C LEU B 108 0.31 -22.29 13.46
N MET B 109 0.16 -21.86 12.21
CA MET B 109 0.68 -22.61 11.08
C MET B 109 2.13 -22.17 10.93
N ALA B 110 3.02 -22.91 11.59
CA ALA B 110 4.42 -22.55 11.59
C ALA B 110 5.09 -22.97 10.29
N GLY B 111 4.46 -23.88 9.54
CA GLY B 111 4.75 -24.12 8.15
C GLY B 111 6.21 -24.26 7.75
N GLY B 112 6.92 -25.14 8.42
CA GLY B 112 8.21 -25.59 7.92
C GLY B 112 9.32 -24.53 7.87
N GLN B 113 10.36 -24.87 7.12
CA GLN B 113 11.60 -24.09 7.07
C GLN B 113 11.37 -22.76 6.37
N GLY B 114 12.42 -21.94 6.37
CA GLY B 114 12.43 -20.69 5.64
C GLY B 114 13.54 -20.70 4.60
N THR B 115 13.69 -21.81 3.88
CA THR B 115 14.75 -21.92 2.88
C THR B 115 14.61 -20.86 1.80
N ARG B 116 13.38 -20.43 1.50
CA ARG B 116 13.18 -19.41 0.48
C ARG B 116 13.75 -18.05 0.89
N LEU B 117 13.85 -17.80 2.19
CA LEU B 117 14.38 -16.53 2.70
C LEU B 117 15.89 -16.58 2.86
N SER B 120 16.62 -22.47 5.53
CA SER B 120 17.53 -22.40 6.66
C SER B 120 17.00 -23.15 7.90
N ALA B 121 16.36 -22.39 8.79
CA ALA B 121 15.78 -22.86 10.05
C ALA B 121 14.26 -22.79 9.95
N PRO B 122 13.51 -23.11 11.01
CA PRO B 122 12.08 -22.76 11.01
C PRO B 122 11.88 -21.29 10.71
N LYS B 123 10.86 -21.01 9.88
CA LYS B 123 10.58 -19.64 9.49
C LYS B 123 10.34 -18.75 10.70
N GLY B 124 9.70 -19.30 11.74
CA GLY B 124 9.44 -18.52 12.93
C GLY B 124 10.69 -18.03 13.64
N CYS B 125 11.83 -18.68 13.43
CA CYS B 125 13.09 -18.24 14.02
C CYS B 125 13.71 -17.06 13.28
N PHE B 126 13.20 -16.70 12.10
CA PHE B 126 13.89 -15.73 11.27
C PHE B 126 13.98 -14.35 11.92
N ASP B 127 15.17 -13.76 11.84
CA ASP B 127 15.43 -12.41 12.36
C ASP B 127 15.35 -11.43 11.21
N ILE B 128 14.41 -10.50 11.29
CA ILE B 128 14.11 -9.64 10.15
C ILE B 128 14.93 -8.35 10.22
N GLY B 129 15.83 -8.27 11.19
CA GLY B 129 16.72 -7.13 11.30
C GLY B 129 16.23 -6.00 12.17
N LEU B 130 15.24 -6.23 13.02
CA LEU B 130 14.85 -5.22 14.00
C LEU B 130 16.02 -4.88 14.91
N PRO B 131 16.02 -3.69 15.51
CA PRO B 131 17.02 -3.38 16.54
C PRO B 131 17.15 -4.45 17.61
N SER B 132 16.03 -5.05 18.03
CA SER B 132 16.06 -6.08 19.06
C SER B 132 16.60 -7.41 18.56
N HIS B 133 16.55 -7.64 17.25
CA HIS B 133 16.89 -8.92 16.63
C HIS B 133 15.99 -10.06 17.10
N LYS B 134 14.80 -9.75 17.58
CA LYS B 134 13.84 -10.77 17.98
C LYS B 134 13.35 -11.59 16.78
N SER B 135 13.13 -12.88 17.02
CA SER B 135 12.53 -13.73 16.00
C SER B 135 11.04 -13.45 15.89
N LEU B 136 10.44 -13.93 14.79
CA LEU B 136 8.99 -13.90 14.67
C LEU B 136 8.32 -14.64 15.83
N PHE B 137 8.79 -15.86 16.13
CA PHE B 137 8.30 -16.61 17.29
C PHE B 137 8.28 -15.74 18.55
N GLN B 138 9.38 -15.03 18.82
CA GLN B 138 9.47 -14.26 20.06
C GLN B 138 8.48 -13.11 20.10
N ILE B 139 8.40 -12.33 19.01
CA ILE B 139 7.47 -11.20 18.96
C ILE B 139 6.05 -11.69 19.20
N GLN B 140 5.66 -12.76 18.52
CA GLN B 140 4.32 -13.31 18.70
C GLN B 140 4.11 -13.83 20.11
N ALA B 141 5.12 -14.48 20.69
CA ALA B 141 5.03 -14.92 22.08
C ALA B 141 4.85 -13.73 23.01
N GLU B 142 5.54 -12.63 22.75
CA GLU B 142 5.38 -11.48 23.62
C GLU B 142 4.01 -10.81 23.44
N ARG B 143 3.41 -10.93 22.24
CA ARG B 143 2.06 -10.41 22.05
C ARG B 143 1.04 -11.22 22.83
N ILE B 144 1.20 -12.54 22.85
CA ILE B 144 0.34 -13.35 23.71
C ILE B 144 0.51 -12.95 25.16
N ALA B 145 1.76 -12.86 25.61
CA ALA B 145 2.00 -12.56 27.02
C ALA B 145 1.40 -11.22 27.39
N LYS B 146 1.49 -10.24 26.52
CA LYS B 146 0.91 -8.94 26.81
C LYS B 146 -0.61 -9.01 26.83
N LEU B 147 -1.20 -9.72 25.88
CA LEU B 147 -2.66 -9.82 25.87
C LEU B 147 -3.16 -10.51 27.13
N GLN B 148 -2.42 -11.53 27.61
CA GLN B 148 -2.82 -12.21 28.84
C GLN B 148 -2.81 -11.24 30.02
N LEU B 149 -1.82 -10.34 30.06
CA LEU B 149 -1.77 -9.36 31.13
C LEU B 149 -2.87 -8.32 31.01
N LEU B 150 -3.18 -7.88 29.78
CA LEU B 150 -4.30 -6.94 29.59
C LEU B 150 -5.61 -7.57 30.03
N ALA B 151 -5.79 -8.86 29.74
CA ALA B 151 -6.98 -9.56 30.19
C ALA B 151 -7.02 -9.67 31.71
N GLN B 152 -5.85 -9.85 32.35
CA GLN B 152 -5.84 -9.99 33.79
C GLN B 152 -6.30 -8.70 34.47
N ARG B 153 -6.11 -7.57 33.79
CA ARG B 153 -6.55 -6.29 34.34
C ARG B 153 -8.06 -6.24 34.52
N ILE B 154 -8.82 -7.01 33.75
CA ILE B 154 -10.28 -6.93 33.85
C ILE B 154 -10.81 -8.03 34.75
N SER B 155 -10.10 -9.16 34.82
CA SER B 155 -10.58 -10.30 35.59
C SER B 155 -9.97 -10.36 36.99
N GLY B 156 -8.80 -9.78 37.19
CA GLY B 156 -8.11 -9.91 38.45
C GLY B 156 -7.41 -11.21 38.64
N LYS B 157 -7.20 -12.00 37.58
CA LYS B 157 -6.52 -13.28 37.71
C LYS B 157 -5.78 -13.60 36.40
N GLU B 158 -4.88 -14.58 36.48
CA GLU B 158 -4.07 -14.95 35.32
C GLU B 158 -4.97 -15.43 34.18
N ALA B 159 -4.60 -15.07 32.96
CA ALA B 159 -5.28 -15.54 31.77
C ALA B 159 -4.31 -16.37 30.94
N VAL B 160 -4.81 -17.42 30.31
CA VAL B 160 -3.97 -18.29 29.49
C VAL B 160 -4.57 -18.43 28.09
N ILE B 161 -3.75 -18.13 27.08
CA ILE B 161 -4.05 -18.45 25.68
C ILE B 161 -3.10 -19.57 25.23
N PRO B 162 -3.53 -20.82 25.21
CA PRO B 162 -2.65 -21.88 24.71
C PRO B 162 -2.27 -21.60 23.27
N TRP B 163 -1.00 -21.85 22.97
CA TRP B 163 -0.43 -21.62 21.65
C TRP B 163 -0.08 -22.99 21.09
N TYR B 164 -0.92 -23.51 20.20
CA TYR B 164 -0.65 -24.77 19.52
C TYR B 164 0.12 -24.49 18.24
N VAL B 165 1.38 -24.92 18.18
CA VAL B 165 2.29 -24.54 17.11
C VAL B 165 2.39 -25.70 16.14
N MET B 166 1.75 -25.59 14.98
CA MET B 166 1.71 -26.69 14.02
C MET B 166 2.91 -26.59 13.10
N THR B 167 3.82 -27.55 13.20
CA THR B 167 5.05 -27.56 12.42
C THR B 167 5.07 -28.77 11.49
N SER B 168 6.13 -28.86 10.69
CA SER B 168 6.40 -30.02 9.86
C SER B 168 7.37 -30.94 10.59
N GLY B 169 7.31 -32.23 10.24
CA GLY B 169 8.20 -33.24 10.80
C GLY B 169 9.62 -32.76 11.02
N PRO B 170 10.28 -32.24 9.97
CA PRO B 170 11.67 -31.81 10.14
C PRO B 170 11.83 -30.61 11.06
N THR B 171 10.95 -29.60 10.98
CA THR B 171 11.12 -28.40 11.80
C THR B 171 10.70 -28.62 13.25
N ARG B 172 10.08 -29.76 13.56
CA ARG B 172 9.54 -29.96 14.90
C ARG B 172 10.63 -29.91 15.96
N LYS B 173 11.69 -30.69 15.78
CA LYS B 173 12.71 -30.71 16.82
C LYS B 173 13.47 -29.40 16.89
N PRO B 174 13.87 -28.78 15.77
CA PRO B 174 14.50 -27.45 15.88
C PRO B 174 13.58 -26.42 16.50
N THR B 175 12.28 -26.55 16.33
CA THR B 175 11.37 -25.56 16.91
C THR B 175 11.26 -25.77 18.42
N GLU B 176 11.19 -27.03 18.86
CA GLU B 176 11.25 -27.28 20.30
C GLU B 176 12.55 -26.76 20.90
N GLU B 177 13.67 -27.03 20.22
CA GLU B 177 14.97 -26.60 20.72
C GLU B 177 15.04 -25.09 20.84
N PHE B 178 14.57 -24.38 19.80
CA PHE B 178 14.63 -22.92 19.81
C PHE B 178 13.82 -22.36 20.97
N PHE B 179 12.61 -22.88 21.17
CA PHE B 179 11.80 -22.44 22.31
C PHE B 179 12.50 -22.78 23.61
N GLU B 180 13.11 -23.97 23.71
CA GLU B 180 13.82 -24.32 24.95
CA GLU B 180 13.80 -24.32 24.94
C GLU B 180 14.99 -23.38 25.19
N GLN B 181 15.70 -22.97 24.13
CA GLN B 181 16.82 -22.06 24.34
C GLN B 181 16.34 -20.70 24.85
N HIS B 182 15.14 -20.29 24.49
CA HIS B 182 14.65 -18.99 24.94
C HIS B 182 13.72 -19.11 26.14
N LYS B 183 13.86 -20.17 26.95
CA LYS B 183 13.06 -20.34 28.17
C LYS B 183 11.57 -20.16 27.91
N TYR B 184 11.15 -20.39 26.66
CA TYR B 184 9.76 -20.30 26.23
C TYR B 184 9.21 -18.87 26.31
N PHE B 185 10.11 -17.88 26.25
CA PHE B 185 9.75 -16.48 26.00
C PHE B 185 8.85 -15.88 27.07
N GLY B 186 8.84 -16.41 28.29
CA GLY B 186 7.97 -15.89 29.31
C GLY B 186 6.59 -16.49 29.35
N LEU B 187 6.29 -17.43 28.46
CA LEU B 187 5.10 -18.26 28.58
C LEU B 187 5.44 -19.56 29.27
N ASN B 188 4.43 -20.17 29.92
CA ASN B 188 4.61 -21.48 30.49
C ASN B 188 4.78 -22.52 29.39
N LYS B 189 5.75 -23.42 29.58
CA LYS B 189 5.94 -24.51 28.63
C LYS B 189 4.66 -25.32 28.44
N SER B 190 3.88 -25.48 29.50
CA SER B 190 2.61 -26.21 29.36
C SER B 190 1.65 -25.55 28.40
N ASP B 191 1.84 -24.26 28.11
CA ASP B 191 0.94 -23.49 27.26
C ASP B 191 1.49 -23.25 25.87
N VAL B 192 2.60 -23.89 25.52
CA VAL B 192 3.11 -23.84 24.15
C VAL B 192 3.24 -25.30 23.71
N ILE B 193 2.32 -25.75 22.87
CA ILE B 193 2.21 -27.15 22.46
C ILE B 193 2.65 -27.24 21.01
N ILE B 194 3.76 -27.90 20.75
CA ILE B 194 4.30 -28.09 19.41
C ILE B 194 3.80 -29.44 18.91
N PHE B 195 3.07 -29.44 17.79
CA PHE B 195 2.56 -30.67 17.18
C PHE B 195 2.79 -30.67 15.68
N GLU B 196 2.45 -31.78 15.04
CA GLU B 196 2.74 -32.01 13.64
C GLU B 196 1.45 -32.20 12.85
N GLN B 197 1.47 -31.74 11.61
CA GLN B 197 0.45 -32.12 10.64
C GLN B 197 0.98 -33.24 9.76
N GLY B 198 0.10 -33.81 8.95
CA GLY B 198 0.50 -34.89 8.07
C GLY B 198 1.47 -34.44 6.99
N VAL B 199 2.23 -35.42 6.48
CA VAL B 199 3.05 -35.23 5.28
C VAL B 199 2.71 -36.32 4.29
N LEU B 200 2.80 -36.00 3.01
CA LEU B 200 2.66 -36.98 1.96
C LEU B 200 3.90 -36.99 1.08
N PRO B 201 4.20 -38.12 0.43
CA PRO B 201 5.26 -38.12 -0.57
C PRO B 201 4.94 -37.12 -1.65
N CYS B 202 5.98 -36.48 -2.19
CA CYS B 202 5.85 -35.75 -3.43
C CYS B 202 5.86 -36.73 -4.60
N ILE B 203 5.13 -36.40 -5.66
CA ILE B 203 4.90 -37.34 -6.75
C ILE B 203 5.21 -36.68 -8.08
N SER B 204 5.44 -37.53 -9.09
CA SER B 204 5.62 -37.08 -10.47
C SER B 204 4.27 -36.75 -11.09
N ASN B 205 4.30 -36.32 -12.35
CA ASN B 205 3.05 -36.07 -13.07
C ASN B 205 2.29 -37.36 -13.35
N GLU B 206 2.98 -38.50 -13.36
CA GLU B 206 2.35 -39.81 -13.47
C GLU B 206 1.86 -40.35 -12.14
N GLY B 207 2.22 -39.71 -11.04
CA GLY B 207 1.84 -40.20 -9.74
C GLY B 207 2.87 -41.08 -9.06
N LYS B 208 4.10 -41.12 -9.58
CA LYS B 208 5.16 -41.91 -8.97
C LYS B 208 5.86 -41.12 -7.89
N ILE B 209 6.14 -41.78 -6.77
CA ILE B 209 6.79 -41.13 -5.63
C ILE B 209 8.17 -40.65 -6.03
N LEU B 210 8.49 -39.40 -5.69
CA LEU B 210 9.76 -38.80 -6.05
C LEU B 210 10.81 -39.06 -4.98
N MET B 211 12.03 -39.33 -5.42
CA MET B 211 13.14 -39.60 -4.52
C MET B 211 13.96 -38.33 -4.32
N GLU B 212 14.03 -37.87 -3.07
CA GLU B 212 14.95 -36.78 -2.75
C GLU B 212 16.39 -37.24 -2.89
N SER B 213 16.73 -38.38 -2.29
CA SER B 213 18.01 -39.06 -2.45
C SER B 213 17.75 -40.53 -2.75
N LYS B 214 18.83 -41.30 -2.92
CA LYS B 214 18.69 -42.73 -3.18
C LYS B 214 18.06 -43.45 -2.00
N PHE B 215 18.25 -42.93 -0.78
CA PHE B 215 17.71 -43.57 0.40
C PHE B 215 16.64 -42.73 1.08
N LYS B 216 16.18 -41.64 0.45
CA LYS B 216 15.14 -40.81 1.07
C LYS B 216 14.09 -40.37 0.05
N VAL B 217 12.84 -40.57 0.39
CA VAL B 217 11.72 -40.04 -0.39
C VAL B 217 11.53 -38.56 -0.09
N ALA B 218 11.21 -37.79 -1.13
CA ALA B 218 10.85 -36.39 -0.98
C ALA B 218 9.40 -36.27 -0.50
N VAL B 219 9.21 -35.65 0.66
CA VAL B 219 7.87 -35.45 1.21
C VAL B 219 7.63 -33.95 1.45
N ALA B 220 6.35 -33.61 1.63
CA ALA B 220 5.91 -32.26 1.92
C ALA B 220 4.67 -32.32 2.81
N PRO B 221 4.46 -31.33 3.66
CA PRO B 221 3.19 -31.25 4.41
C PRO B 221 2.00 -31.25 3.48
N ASP B 222 0.85 -31.69 4.01
CA ASP B 222 -0.34 -31.90 3.18
C ASP B 222 -1.19 -30.63 3.04
N GLY B 223 -0.56 -29.45 3.03
CA GLY B 223 -1.26 -28.19 2.89
C GLY B 223 -1.80 -27.65 4.20
N ASN B 224 -2.10 -26.34 4.21
CA ASN B 224 -2.65 -25.78 5.44
C ASN B 224 -4.07 -26.29 5.70
N GLY B 225 -4.71 -26.92 4.72
CA GLY B 225 -5.95 -27.62 5.00
C GLY B 225 -5.79 -28.90 5.79
N GLY B 226 -4.56 -29.40 5.95
CA GLY B 226 -4.32 -30.51 6.86
C GLY B 226 -4.52 -30.17 8.32
N ILE B 227 -4.78 -28.91 8.64
CA ILE B 227 -4.89 -28.50 10.04
C ILE B 227 -5.98 -29.29 10.75
N TYR B 228 -7.10 -29.54 10.07
CA TYR B 228 -8.27 -30.08 10.76
C TYR B 228 -8.04 -31.51 11.19
N GLN B 229 -7.50 -32.35 10.29
CA GLN B 229 -7.13 -33.71 10.69
C GLN B 229 -5.99 -33.67 11.69
N ALA B 230 -5.02 -32.76 11.50
CA ALA B 230 -3.94 -32.62 12.47
C ALA B 230 -4.47 -32.42 13.89
N LEU B 231 -5.52 -31.62 14.04
CA LEU B 231 -6.07 -31.35 15.37
C LEU B 231 -6.61 -32.61 16.03
N LEU B 232 -7.08 -33.57 15.23
CA LEU B 232 -7.59 -34.81 15.79
C LEU B 232 -6.46 -35.77 16.11
N THR B 233 -5.67 -36.13 15.09
CA THR B 233 -4.57 -37.06 15.29
C THR B 233 -3.62 -36.60 16.39
N SER B 234 -3.40 -35.30 16.53
CA SER B 234 -2.38 -34.85 17.47
C SER B 234 -2.86 -34.88 18.91
N GLY B 235 -4.17 -34.96 19.14
CA GLY B 235 -4.69 -34.73 20.47
C GLY B 235 -4.96 -33.27 20.79
N VAL B 236 -4.63 -32.35 19.88
CA VAL B 236 -4.83 -30.93 20.17
C VAL B 236 -6.28 -30.62 20.44
N ARG B 237 -7.21 -31.22 19.68
CA ARG B 237 -8.62 -30.93 19.94
C ARG B 237 -9.03 -31.44 21.31
N GLU B 238 -8.57 -32.62 21.70
CA GLU B 238 -8.86 -33.13 23.03
C GLU B 238 -8.31 -32.19 24.10
N ASP B 239 -7.06 -31.73 23.91
CA ASP B 239 -6.46 -30.82 24.89
C ASP B 239 -7.21 -29.51 24.98
N MET B 240 -7.75 -29.02 23.87
CA MET B 240 -8.61 -27.83 23.92
C MET B 240 -9.86 -28.12 24.73
N ARG B 241 -10.46 -29.28 24.50
CA ARG B 241 -11.66 -29.66 25.24
C ARG B 241 -11.40 -29.64 26.74
N LYS B 242 -10.27 -30.21 27.18
CA LYS B 242 -9.95 -30.28 28.62
C LYS B 242 -9.78 -28.88 29.24
N ARG B 243 -9.22 -27.94 28.48
CA ARG B 243 -9.02 -26.59 28.99
C ARG B 243 -10.27 -25.73 28.86
N GLY B 244 -11.32 -26.24 28.24
CA GLY B 244 -12.50 -25.41 28.09
C GLY B 244 -12.41 -24.36 27.01
N ILE B 245 -11.61 -24.60 25.96
CA ILE B 245 -11.51 -23.64 24.84
C ILE B 245 -12.82 -23.57 24.09
N GLU B 246 -13.24 -22.36 23.72
CA GLU B 246 -14.43 -22.19 22.90
C GLU B 246 -14.20 -21.37 21.64
N HIS B 247 -13.07 -20.68 21.50
CA HIS B 247 -12.82 -19.77 20.39
C HIS B 247 -11.37 -19.93 20.01
N ILE B 248 -11.10 -20.15 18.72
CA ILE B 248 -9.75 -20.49 18.31
C ILE B 248 -9.31 -19.55 17.20
N HIS B 249 -8.12 -18.97 17.37
CA HIS B 249 -7.55 -18.10 16.37
C HIS B 249 -6.43 -18.82 15.61
N THR B 250 -6.41 -18.65 14.29
CA THR B 250 -5.50 -19.36 13.41
C THR B 250 -4.83 -18.38 12.44
N TYR B 251 -3.52 -18.53 12.23
CA TYR B 251 -2.81 -17.65 11.30
C TYR B 251 -1.48 -18.31 10.95
N CYS B 252 -0.80 -17.73 9.95
CA CYS B 252 0.50 -18.20 9.48
CA CYS B 252 0.49 -18.21 9.48
C CYS B 252 1.63 -17.41 10.12
N VAL B 253 2.71 -18.11 10.48
CA VAL B 253 3.77 -17.45 11.26
C VAL B 253 4.44 -16.31 10.51
N ASP B 254 4.41 -16.30 9.17
CA ASP B 254 5.17 -15.29 8.45
C ASP B 254 4.50 -13.92 8.43
N ASN B 255 3.36 -13.75 9.10
CA ASN B 255 2.75 -12.42 9.20
C ASN B 255 3.36 -11.70 10.39
N CYS B 256 4.35 -10.86 10.14
CA CYS B 256 5.07 -10.27 11.27
CA CYS B 256 5.10 -10.21 11.22
C CYS B 256 4.25 -9.23 12.01
N LEU B 257 3.14 -8.76 11.47
CA LEU B 257 2.28 -7.84 12.21
C LEU B 257 1.09 -8.53 12.87
N VAL B 258 1.05 -9.86 12.90
CA VAL B 258 -0.16 -10.55 13.33
C VAL B 258 -0.53 -10.12 14.75
N LYS B 259 -1.75 -9.60 14.91
CA LYS B 259 -2.29 -9.39 16.24
C LYS B 259 -2.77 -10.75 16.75
N VAL B 260 -1.93 -11.43 17.54
CA VAL B 260 -2.27 -12.79 17.98
C VAL B 260 -3.49 -12.75 18.88
N ALA B 261 -4.45 -13.64 18.61
CA ALA B 261 -5.65 -13.74 19.45
C ALA B 261 -6.38 -12.41 19.54
N ASP B 262 -6.45 -11.70 18.42
CA ASP B 262 -6.98 -10.34 18.40
C ASP B 262 -8.34 -10.28 19.11
N PRO B 263 -8.48 -9.50 20.18
CA PRO B 263 -9.79 -9.45 20.87
C PRO B 263 -10.91 -8.93 19.99
N VAL B 264 -10.67 -7.93 19.14
CA VAL B 264 -11.73 -7.45 18.26
C VAL B 264 -12.28 -8.59 17.41
N PHE B 265 -11.37 -9.37 16.81
CA PHE B 265 -11.75 -10.47 15.92
C PHE B 265 -12.56 -11.53 16.69
N ILE B 266 -12.07 -11.94 17.86
CA ILE B 266 -12.79 -12.93 18.68
C ILE B 266 -14.16 -12.39 19.08
N GLY B 267 -14.20 -11.16 19.60
CA GLY B 267 -15.47 -10.62 20.07
C GLY B 267 -16.46 -10.46 18.95
N PHE B 268 -15.99 -10.04 17.77
CA PHE B 268 -16.84 -9.92 16.60
C PHE B 268 -17.41 -11.27 16.19
N ALA B 269 -16.56 -12.29 16.06
CA ALA B 269 -17.06 -13.57 15.59
C ALA B 269 -17.94 -14.21 16.65
N ALA B 270 -17.57 -14.08 17.92
CA ALA B 270 -18.38 -14.67 18.98
C ALA B 270 -19.74 -14.00 19.08
N SER B 271 -19.80 -12.68 18.90
CA SER B 271 -21.08 -11.98 19.00
C SER B 271 -22.05 -12.47 17.94
N LYS B 272 -21.55 -12.93 16.79
CA LYS B 272 -22.41 -13.45 15.74
C LYS B 272 -22.57 -14.95 15.79
N GLN B 273 -21.95 -15.64 16.75
CA GLN B 273 -22.15 -17.09 16.91
C GLN B 273 -21.80 -17.86 15.63
N VAL B 274 -20.82 -17.38 14.87
CA VAL B 274 -20.47 -18.05 13.62
C VAL B 274 -19.59 -19.27 13.89
N ASP B 275 -19.55 -20.18 12.92
CA ASP B 275 -18.63 -21.30 13.00
C ASP B 275 -17.23 -20.89 12.57
N ILE B 276 -17.17 -20.00 11.58
CA ILE B 276 -15.92 -19.59 10.95
C ILE B 276 -16.00 -18.10 10.68
N ALA B 277 -14.91 -17.39 10.96
CA ALA B 277 -14.79 -16.04 10.47
C ALA B 277 -13.38 -15.84 9.92
N THR B 278 -13.19 -14.77 9.15
CA THR B 278 -11.95 -14.54 8.44
C THR B 278 -11.59 -13.06 8.53
N LYS B 279 -10.29 -12.78 8.46
CA LYS B 279 -9.78 -11.42 8.37
C LYS B 279 -9.27 -11.18 6.97
N VAL B 280 -9.52 -9.97 6.47
CA VAL B 280 -9.06 -9.55 5.16
C VAL B 280 -8.50 -8.14 5.30
N VAL B 281 -7.72 -7.71 4.30
CA VAL B 281 -7.33 -6.31 4.19
C VAL B 281 -7.97 -5.78 2.90
N ARG B 282 -7.97 -4.46 2.75
CA ARG B 282 -8.68 -3.86 1.62
C ARG B 282 -7.83 -3.95 0.37
N LYS B 283 -8.34 -4.60 -0.68
CA LYS B 283 -7.77 -4.46 -2.00
C LYS B 283 -8.03 -3.04 -2.50
N ARG B 284 -6.96 -2.27 -2.75
CA ARG B 284 -7.04 -0.85 -3.07
C ARG B 284 -7.23 -0.58 -4.55
N ASN B 285 -6.62 -1.38 -5.43
CA ASN B 285 -6.61 -1.15 -6.87
C ASN B 285 -7.07 -2.41 -7.62
N ALA B 286 -7.84 -2.21 -8.68
CA ALA B 286 -8.42 -3.34 -9.41
C ALA B 286 -7.36 -4.32 -9.88
N THR B 287 -6.15 -3.84 -10.17
CA THR B 287 -5.11 -4.68 -10.76
C THR B 287 -4.30 -5.47 -9.72
N GLU B 288 -4.58 -5.32 -8.43
CA GLU B 288 -3.91 -6.17 -7.43
C GLU B 288 -4.24 -7.63 -7.66
N SER B 289 -3.22 -8.49 -7.53
CA SER B 289 -3.39 -9.92 -7.73
C SER B 289 -3.43 -10.60 -6.36
N VAL B 290 -4.60 -10.56 -5.74
CA VAL B 290 -4.79 -11.09 -4.40
C VAL B 290 -6.02 -12.00 -4.41
N GLY B 291 -5.95 -13.10 -3.67
CA GLY B 291 -7.13 -13.92 -3.47
C GLY B 291 -8.18 -13.17 -2.68
N LEU B 292 -9.45 -13.46 -2.97
CA LEU B 292 -10.56 -12.70 -2.41
C LEU B 292 -11.56 -13.61 -1.70
N ILE B 293 -12.05 -13.16 -0.56
CA ILE B 293 -13.11 -13.84 0.16
C ILE B 293 -14.44 -13.28 -0.30
N LEU B 294 -15.35 -14.15 -0.71
CA LEU B 294 -16.61 -13.68 -1.29
C LEU B 294 -17.57 -14.86 -1.36
N GLN B 295 -18.72 -14.64 -1.97
CA GLN B 295 -19.65 -15.70 -2.32
C GLN B 295 -19.33 -16.22 -3.71
N LYS B 296 -19.08 -17.51 -3.82
CA LYS B 296 -18.98 -18.18 -5.10
C LYS B 296 -20.16 -19.14 -5.15
N ASN B 297 -21.11 -18.86 -6.05
CA ASN B 297 -22.36 -19.62 -6.16
C ASN B 297 -23.10 -19.65 -4.83
N GLY B 298 -23.19 -18.49 -4.19
CA GLY B 298 -23.94 -18.37 -2.95
C GLY B 298 -23.38 -19.08 -1.73
N LYS B 299 -22.09 -19.40 -1.71
CA LYS B 299 -21.43 -19.99 -0.55
C LYS B 299 -20.17 -19.21 -0.23
N PRO B 300 -19.81 -19.08 1.05
CA PRO B 300 -18.54 -18.43 1.38
C PRO B 300 -17.38 -19.20 0.74
N ASP B 301 -16.44 -18.46 0.16
CA ASP B 301 -15.34 -19.12 -0.55
C ASP B 301 -14.20 -18.14 -0.70
N VAL B 302 -13.02 -18.68 -0.96
CA VAL B 302 -11.85 -17.90 -1.38
C VAL B 302 -11.62 -18.21 -2.84
N VAL B 303 -11.51 -17.17 -3.67
CA VAL B 303 -11.32 -17.34 -5.09
C VAL B 303 -9.98 -16.74 -5.47
N GLU B 304 -9.15 -17.51 -6.19
CA GLU B 304 -7.91 -16.97 -6.72
C GLU B 304 -8.20 -15.78 -7.60
N TYR B 305 -7.24 -14.86 -7.68
CA TYR B 305 -7.41 -13.68 -8.52
C TYR B 305 -7.47 -14.03 -10.01
N SER B 306 -6.98 -15.22 -10.39
CA SER B 306 -7.08 -15.59 -11.80
C SER B 306 -8.53 -15.75 -12.23
N GLU B 307 -9.41 -16.19 -11.34
CA GLU B 307 -10.82 -16.39 -11.67
C GLU B 307 -11.64 -15.11 -11.59
N ILE B 308 -11.00 -13.96 -11.43
CA ILE B 308 -11.65 -12.66 -11.36
C ILE B 308 -11.52 -12.01 -12.73
N ASP B 309 -12.64 -11.83 -13.44
CA ASP B 309 -12.64 -11.18 -14.73
C ASP B 309 -12.48 -9.67 -14.59
N LYS B 310 -12.27 -8.99 -15.72
CA LYS B 310 -11.98 -7.56 -15.70
C LYS B 310 -13.16 -6.77 -15.14
N GLU B 311 -14.38 -7.18 -15.49
CA GLU B 311 -15.54 -6.42 -15.05
C GLU B 311 -15.72 -6.48 -13.55
N THR B 312 -15.54 -7.67 -12.97
CA THR B 312 -15.71 -7.81 -11.53
C THR B 312 -14.54 -7.21 -10.75
N ALA B 313 -13.31 -7.32 -11.28
CA ALA B 313 -12.15 -6.73 -10.61
C ALA B 313 -12.28 -5.22 -10.51
N GLU B 314 -12.81 -4.58 -11.55
CA GLU B 314 -12.89 -3.13 -11.59
C GLU B 314 -14.15 -2.57 -10.95
N ALA B 315 -15.18 -3.40 -10.78
CA ALA B 315 -16.47 -2.91 -10.28
C ALA B 315 -16.27 -2.10 -9.02
N LYS B 316 -16.90 -0.92 -8.97
CA LYS B 316 -16.91 -0.12 -7.76
C LYS B 316 -18.13 -0.47 -6.93
N ASP B 317 -18.02 -0.31 -5.63
CA ASP B 317 -19.12 -0.65 -4.75
C ASP B 317 -20.25 0.36 -4.95
N PRO B 318 -21.47 -0.07 -5.33
CA PRO B 318 -22.58 0.90 -5.45
C PRO B 318 -22.78 1.76 -4.21
N LYS B 319 -22.91 1.15 -3.03
CA LYS B 319 -23.20 1.89 -1.81
C LYS B 319 -21.98 2.64 -1.25
N GLN B 320 -20.82 2.49 -1.86
CA GLN B 320 -19.60 3.13 -1.37
C GLN B 320 -18.63 3.25 -2.53
N PRO B 321 -18.87 4.21 -3.42
CA PRO B 321 -18.15 4.24 -4.71
C PRO B 321 -16.67 4.59 -4.63
N ASP B 322 -16.13 4.86 -3.44
CA ASP B 322 -14.70 5.04 -3.28
C ASP B 322 -13.94 3.73 -3.07
N VAL B 323 -14.64 2.59 -3.01
CA VAL B 323 -13.99 1.31 -2.81
C VAL B 323 -14.47 0.31 -3.87
N LEU B 324 -13.62 -0.66 -4.14
CA LEU B 324 -13.97 -1.73 -5.05
C LEU B 324 -15.07 -2.60 -4.46
N LYS B 325 -15.98 -3.05 -5.31
CA LYS B 325 -17.06 -3.93 -4.86
C LYS B 325 -16.49 -5.23 -4.31
N PHE B 326 -15.44 -5.74 -4.94
CA PHE B 326 -14.77 -6.98 -4.55
C PHE B 326 -13.42 -6.58 -3.99
N ARG B 327 -13.32 -6.50 -2.66
CA ARG B 327 -12.14 -5.94 -2.03
C ARG B 327 -11.66 -6.72 -0.82
N ALA B 328 -12.14 -7.95 -0.59
CA ALA B 328 -11.82 -8.70 0.63
C ALA B 328 -10.58 -9.57 0.40
N ALA B 329 -9.41 -8.93 0.50
CA ALA B 329 -8.14 -9.62 0.22
C ALA B 329 -7.79 -10.55 1.38
N ASN B 330 -7.75 -11.85 1.08
CA ASN B 330 -7.53 -12.88 2.09
C ASN B 330 -6.14 -12.77 2.71
N ILE B 331 -6.06 -12.78 4.05
CA ILE B 331 -4.74 -12.79 4.68
C ILE B 331 -4.54 -14.03 5.55
N VAL B 332 -5.20 -15.13 5.20
CA VAL B 332 -5.01 -16.42 5.86
C VAL B 332 -5.06 -16.24 7.37
N ASN B 333 -6.20 -15.77 7.87
CA ASN B 333 -6.32 -15.38 9.28
C ASN B 333 -7.75 -15.67 9.72
N HIS B 334 -7.93 -16.69 10.57
CA HIS B 334 -9.25 -17.30 10.73
C HIS B 334 -9.64 -17.46 12.20
N TYR B 335 -10.95 -17.42 12.43
CA TYR B 335 -11.57 -17.77 13.70
C TYR B 335 -12.35 -19.05 13.50
N TYR B 336 -12.38 -19.89 14.54
CA TYR B 336 -13.23 -21.06 14.55
C TYR B 336 -13.89 -21.15 15.93
N SER B 337 -15.15 -21.57 15.97
CA SER B 337 -15.70 -21.97 17.25
C SER B 337 -15.19 -23.36 17.61
N PHE B 338 -15.25 -23.70 18.90
CA PHE B 338 -14.85 -25.05 19.25
C PHE B 338 -15.89 -26.06 18.76
N LYS B 339 -17.18 -25.67 18.72
CA LYS B 339 -18.20 -26.53 18.13
C LYS B 339 -17.81 -26.98 16.73
N PHE B 340 -17.31 -26.04 15.92
CA PHE B 340 -16.89 -26.38 14.56
C PHE B 340 -15.74 -27.40 14.57
N PHE B 341 -14.83 -27.31 15.54
CA PHE B 341 -13.76 -28.30 15.63
C PHE B 341 -14.30 -29.66 16.04
N GLU B 342 -15.40 -29.69 16.79
CA GLU B 342 -15.95 -30.98 17.17
C GLU B 342 -16.75 -31.63 16.05
N SER B 343 -17.02 -30.91 14.96
CA SER B 343 -17.67 -31.48 13.80
C SER B 343 -16.70 -32.07 12.77
N ILE B 344 -15.40 -32.11 13.08
CA ILE B 344 -14.42 -32.28 12.01
C ILE B 344 -14.57 -33.64 11.34
N GLU B 345 -14.76 -34.70 12.14
CA GLU B 345 -14.86 -36.05 11.58
C GLU B 345 -15.92 -36.15 10.49
N LEU B 346 -16.97 -35.33 10.58
CA LEU B 346 -18.07 -35.42 9.61
C LEU B 346 -17.62 -35.11 8.19
N TRP B 347 -16.76 -34.10 8.02
CA TRP B 347 -16.41 -33.60 6.70
C TRP B 347 -14.93 -33.69 6.38
N ALA B 348 -14.11 -34.16 7.31
CA ALA B 348 -12.67 -34.11 7.10
C ALA B 348 -12.26 -34.91 5.88
N HIS B 349 -12.91 -36.06 5.67
CA HIS B 349 -12.62 -36.86 4.49
C HIS B 349 -13.10 -36.18 3.22
N LYS B 350 -14.04 -35.25 3.31
CA LYS B 350 -14.53 -34.58 2.12
C LYS B 350 -13.55 -33.55 1.58
N LEU B 351 -12.59 -33.11 2.36
CA LEU B 351 -11.63 -32.11 1.87
C LEU B 351 -10.75 -32.72 0.80
N PRO B 352 -10.74 -32.21 -0.42
CA PRO B 352 -9.91 -32.79 -1.47
C PRO B 352 -8.44 -32.41 -1.36
N HIS B 353 -7.59 -33.29 -1.90
CA HIS B 353 -6.19 -32.98 -2.10
C HIS B 353 -6.00 -32.40 -3.50
N HIS B 354 -5.42 -31.20 -3.57
CA HIS B 354 -5.18 -30.48 -4.80
C HIS B 354 -3.77 -30.71 -5.30
N VAL B 355 -3.58 -30.47 -6.60
CA VAL B 355 -2.27 -30.56 -7.24
CA VAL B 355 -2.28 -30.55 -7.25
C VAL B 355 -1.59 -29.20 -7.12
N ALA B 356 -0.36 -29.21 -6.62
CA ALA B 356 0.45 -28.01 -6.46
C ALA B 356 1.78 -28.27 -7.17
N ARG B 357 1.89 -27.82 -8.42
CA ARG B 357 3.03 -28.19 -9.25
C ARG B 357 4.26 -27.40 -8.86
N LYS B 358 5.40 -28.09 -8.71
CA LYS B 358 6.64 -27.47 -8.26
C LYS B 358 7.84 -27.96 -9.06
N PRO B 376 8.41 -26.40 -11.92
CA PRO B 376 7.90 -27.07 -13.12
C PRO B 376 8.25 -28.55 -13.10
N ASN B 377 8.26 -29.14 -11.91
CA ASN B 377 8.95 -30.40 -11.67
C ASN B 377 7.92 -31.46 -11.31
N GLY B 378 7.55 -31.60 -10.04
CA GLY B 378 6.58 -32.59 -9.60
C GLY B 378 5.42 -31.95 -8.86
N ILE B 379 4.82 -32.70 -7.93
CA ILE B 379 3.54 -32.33 -7.34
C ILE B 379 3.57 -32.53 -5.84
N LYS B 380 3.14 -31.50 -5.10
CA LYS B 380 2.79 -31.59 -3.69
C LYS B 380 1.28 -31.66 -3.60
N LEU B 381 0.76 -32.70 -2.99
CA LEU B 381 -0.68 -32.82 -2.79
C LEU B 381 -1.06 -32.06 -1.54
N GLU B 382 -1.99 -31.11 -1.66
CA GLU B 382 -2.32 -30.21 -0.56
C GLU B 382 -3.82 -30.06 -0.40
N GLN B 383 -4.28 -30.15 0.85
CA GLN B 383 -5.61 -29.70 1.23
C GLN B 383 -5.57 -28.21 1.55
N PHE B 384 -6.67 -27.51 1.26
CA PHE B 384 -6.76 -26.07 1.40
C PHE B 384 -7.64 -25.73 2.59
N VAL B 385 -7.13 -24.86 3.47
CA VAL B 385 -7.83 -24.54 4.71
C VAL B 385 -9.21 -23.99 4.41
N PHE B 386 -9.39 -23.33 3.27
CA PHE B 386 -10.64 -22.65 2.99
C PHE B 386 -11.64 -23.52 2.24
N ASP B 387 -11.31 -24.79 1.96
CA ASP B 387 -12.25 -25.64 1.23
C ASP B 387 -13.47 -25.98 2.08
N VAL B 388 -13.38 -25.80 3.40
CA VAL B 388 -14.53 -25.97 4.27
C VAL B 388 -15.44 -24.74 4.29
N PHE B 389 -15.00 -23.61 3.73
CA PHE B 389 -15.86 -22.43 3.71
C PHE B 389 -17.14 -22.64 2.93
N PRO B 390 -17.13 -23.14 1.68
CA PRO B 390 -18.40 -23.35 0.97
C PRO B 390 -19.31 -24.33 1.67
N MET B 391 -18.76 -25.26 2.43
CA MET B 391 -19.57 -26.16 3.24
C MET B 391 -20.26 -25.44 4.39
N THR B 392 -20.00 -24.15 4.61
CA THR B 392 -20.54 -23.49 5.79
C THR B 392 -21.70 -22.58 5.42
N PRO B 393 -22.80 -22.61 6.18
CA PRO B 393 -23.92 -21.70 5.89
C PRO B 393 -23.50 -20.24 6.02
N LEU B 394 -24.06 -19.41 5.12
CA LEU B 394 -23.78 -17.97 5.14
C LEU B 394 -23.97 -17.35 6.51
N GLU B 395 -25.00 -17.79 7.25
CA GLU B 395 -25.27 -17.26 8.58
C GLU B 395 -24.28 -17.75 9.63
N LYS B 396 -23.46 -18.74 9.29
CA LYS B 396 -22.45 -19.27 10.19
C LYS B 396 -21.04 -18.89 9.76
N PHE B 397 -20.91 -17.82 8.97
CA PHE B 397 -19.65 -17.32 8.42
C PHE B 397 -19.64 -15.79 8.49
N ALA B 398 -18.50 -15.22 8.88
CA ALA B 398 -18.35 -13.76 8.91
C ALA B 398 -16.95 -13.37 8.45
N CYS B 399 -16.73 -12.06 8.32
CA CYS B 399 -15.51 -11.55 7.71
C CYS B 399 -15.30 -10.10 8.15
N ILE B 400 -14.11 -9.80 8.66
CA ILE B 400 -13.82 -8.45 9.12
C ILE B 400 -12.61 -7.93 8.38
N GLU B 401 -12.76 -6.75 7.81
CA GLU B 401 -11.67 -6.05 7.13
C GLU B 401 -10.84 -5.32 8.17
N VAL B 402 -9.51 -5.40 8.04
CA VAL B 402 -8.63 -4.74 9.00
C VAL B 402 -7.63 -3.87 8.24
N ARG B 403 -6.85 -3.11 9.00
CA ARG B 403 -5.91 -2.15 8.42
C ARG B 403 -4.62 -2.86 8.13
N ARG B 404 -4.23 -2.93 6.85
CA ARG B 404 -3.04 -3.69 6.48
C ARG B 404 -1.83 -3.24 7.27
N GLU B 405 -1.67 -1.92 7.44
CA GLU B 405 -0.49 -1.38 8.12
C GLU B 405 -0.45 -1.68 9.61
N ASP B 406 -1.55 -2.13 10.21
CA ASP B 406 -1.47 -2.55 11.59
C ASP B 406 -1.48 -4.05 11.77
N GLU B 407 -1.84 -4.81 10.73
CA GLU B 407 -2.21 -6.21 10.89
C GLU B 407 -1.58 -7.18 9.91
N PHE B 408 -1.00 -6.75 8.80
CA PHE B 408 -0.56 -7.72 7.79
C PHE B 408 0.75 -7.30 7.16
N SER B 409 1.81 -8.07 7.40
CA SER B 409 3.12 -7.79 6.83
C SER B 409 3.79 -9.11 6.59
N PRO B 410 3.49 -9.76 5.47
CA PRO B 410 3.98 -11.13 5.26
C PRO B 410 5.46 -11.16 4.91
N LEU B 411 6.14 -12.13 5.51
CA LEU B 411 7.54 -12.42 5.21
C LEU B 411 7.56 -13.62 4.26
N LYS B 412 7.68 -13.35 2.96
CA LYS B 412 7.65 -14.42 1.97
C LYS B 412 8.92 -14.54 1.13
N ASN B 413 9.62 -13.44 0.89
CA ASN B 413 10.73 -13.43 -0.05
C ASN B 413 12.01 -12.98 0.62
N ALA B 414 13.14 -13.28 -0.02
CA ALA B 414 14.45 -12.99 0.54
C ALA B 414 14.79 -11.50 0.42
N ARG B 415 15.81 -11.10 1.19
CA ARG B 415 16.24 -9.70 1.21
C ARG B 415 16.57 -9.21 -0.19
N GLY B 416 16.20 -7.97 -0.49
CA GLY B 416 16.40 -7.40 -1.80
C GLY B 416 15.23 -7.53 -2.76
N THR B 417 14.21 -8.32 -2.42
CA THR B 417 13.07 -8.47 -3.31
C THR B 417 12.24 -7.20 -3.37
N GLY B 418 12.19 -6.43 -2.29
CA GLY B 418 11.42 -5.20 -2.25
C GLY B 418 9.94 -5.36 -2.03
N GLU B 419 9.45 -6.59 -1.96
CA GLU B 419 8.04 -6.86 -1.68
C GLU B 419 7.96 -8.05 -0.74
N ASP B 420 7.32 -7.86 0.42
CA ASP B 420 7.10 -8.93 1.39
C ASP B 420 8.41 -9.64 1.73
N ASP B 421 9.38 -8.87 2.20
CA ASP B 421 10.70 -9.40 2.53
C ASP B 421 11.14 -8.85 3.89
N PRO B 422 12.29 -9.25 4.44
CA PRO B 422 12.68 -8.73 5.76
C PRO B 422 12.62 -7.21 5.87
N ASP B 423 12.94 -6.50 4.79
CA ASP B 423 13.01 -5.04 4.88
C ASP B 423 11.62 -4.42 4.98
N THR B 424 10.67 -4.89 4.15
CA THR B 424 9.32 -4.34 4.26
C THR B 424 8.66 -4.72 5.58
N SER B 425 8.98 -5.90 6.10
CA SER B 425 8.45 -6.32 7.40
C SER B 425 9.03 -5.47 8.52
N LYS B 426 10.35 -5.27 8.52
CA LYS B 426 10.97 -4.40 9.51
C LYS B 426 10.41 -2.99 9.44
N ARG B 427 10.20 -2.48 8.22
CA ARG B 427 9.67 -1.13 8.10
C ARG B 427 8.22 -1.04 8.57
N ASP B 428 7.42 -2.06 8.27
CA ASP B 428 6.04 -2.07 8.77
C ASP B 428 5.99 -1.99 10.29
N ILE B 429 6.85 -2.75 10.97
CA ILE B 429 6.80 -2.77 12.43
C ILE B 429 7.31 -1.46 13.01
N MET B 430 8.37 -0.90 12.41
CA MET B 430 8.98 0.29 13.01
C MET B 430 8.23 1.55 12.64
N SER B 431 7.56 1.60 11.48
CA SER B 431 6.65 2.72 11.24
C SER B 431 5.43 2.61 12.14
N GLN B 432 4.95 1.39 12.43
CA GLN B 432 3.84 1.28 13.38
C GLN B 432 4.23 1.80 14.75
N GLY B 433 5.39 1.36 15.25
CA GLY B 433 5.82 1.82 16.56
C GLY B 433 5.87 3.33 16.64
N GLN B 434 6.45 3.97 15.62
CA GLN B 434 6.53 5.42 15.63
C GLN B 434 5.15 6.05 15.62
N ARG B 435 4.26 5.54 14.76
CA ARG B 435 2.89 6.06 14.72
CA ARG B 435 2.90 6.07 14.72
C ARG B 435 2.25 5.96 16.09
N TRP B 436 2.34 4.78 16.72
CA TRP B 436 1.80 4.57 18.06
C TRP B 436 2.33 5.57 19.05
N ILE B 437 3.63 5.82 18.99
CA ILE B 437 4.26 6.73 19.95
C ILE B 437 3.75 8.15 19.72
N GLU B 438 3.66 8.56 18.45
CA GLU B 438 3.22 9.92 18.14
C GLU B 438 1.77 10.13 18.56
N LYS B 439 0.89 9.15 18.28
CA LYS B 439 -0.49 9.27 18.74
C LYS B 439 -0.58 9.37 20.26
N ALA B 440 0.45 8.95 20.99
CA ALA B 440 0.46 9.09 22.44
C ALA B 440 1.11 10.39 22.92
N GLY B 441 1.68 11.19 22.02
CA GLY B 441 2.28 12.45 22.40
C GLY B 441 3.78 12.42 22.48
N GLY B 442 4.41 11.29 22.21
CA GLY B 442 5.85 11.28 22.04
C GLY B 442 6.27 12.06 20.82
N ILE B 443 7.56 12.39 20.77
CA ILE B 443 8.14 13.16 19.66
C ILE B 443 9.32 12.35 19.14
N VAL B 444 9.18 11.84 17.92
CA VAL B 444 10.19 10.99 17.31
C VAL B 444 10.96 11.81 16.29
N ILE B 445 12.29 11.81 16.42
CA ILE B 445 13.18 12.60 15.59
C ILE B 445 13.99 11.65 14.72
N THR B 446 13.84 11.77 13.41
CA THR B 446 14.58 10.95 12.46
C THR B 446 15.78 11.76 11.97
N GLU B 447 16.98 11.36 12.40
CA GLU B 447 18.19 12.09 11.99
C GLU B 447 18.35 12.08 10.48
N GLY B 448 18.12 10.93 9.85
CA GLY B 448 18.11 10.83 8.41
C GLY B 448 17.26 9.68 7.89
N VAL B 451 15.04 4.59 10.26
CA VAL B 451 13.72 5.20 10.34
C VAL B 451 12.71 4.37 11.19
N GLY B 452 11.96 5.07 12.05
CA GLY B 452 10.91 4.42 12.84
C GLY B 452 11.43 3.89 14.17
N VAL B 453 10.49 3.38 14.98
CA VAL B 453 10.78 2.90 16.33
C VAL B 453 10.17 1.51 16.53
N GLU B 454 10.94 0.61 17.13
CA GLU B 454 10.45 -0.71 17.50
C GLU B 454 9.91 -0.65 18.92
N VAL B 455 8.61 -0.91 19.08
CA VAL B 455 7.98 -0.95 20.40
C VAL B 455 7.80 -2.42 20.78
N SER B 456 8.39 -2.84 21.90
CA SER B 456 8.22 -4.22 22.34
C SER B 456 6.73 -4.50 22.62
N PRO B 457 6.21 -5.66 22.23
CA PRO B 457 4.84 -6.01 22.64
C PRO B 457 4.68 -6.09 24.13
N LEU B 458 5.77 -6.33 24.88
CA LEU B 458 5.66 -6.26 26.34
C LEU B 458 5.37 -4.84 26.80
N ILE B 459 5.71 -3.84 26.00
CA ILE B 459 5.31 -2.48 26.34
C ILE B 459 3.91 -2.20 25.81
N SER B 460 3.59 -2.64 24.60
CA SER B 460 2.32 -2.28 23.99
C SER B 460 1.87 -3.36 23.03
N TYR B 461 0.69 -3.94 23.26
CA TYR B 461 0.15 -4.92 22.33
C TYR B 461 -0.29 -4.27 21.03
N GLY B 462 -1.07 -3.19 21.12
CA GLY B 462 -1.67 -2.62 19.93
C GLY B 462 -1.76 -1.10 19.95
N GLY B 463 -0.82 -0.45 20.64
CA GLY B 463 -0.75 1.00 20.71
C GLY B 463 -1.12 1.58 22.05
N GLU B 464 -1.62 0.76 22.97
CA GLU B 464 -2.01 1.21 24.29
C GLU B 464 -0.78 1.30 25.18
N GLY B 465 -0.96 1.99 26.32
CA GLY B 465 0.07 1.99 27.33
C GLY B 465 1.32 2.75 26.99
N LEU B 466 1.26 3.68 26.04
CA LEU B 466 2.42 4.49 25.69
C LEU B 466 2.35 5.91 26.26
N GLU B 467 1.39 6.18 27.15
CA GLU B 467 1.23 7.51 27.72
C GLU B 467 2.48 8.01 28.44
N PHE B 468 3.27 7.09 29.00
CA PHE B 468 4.48 7.52 29.70
C PHE B 468 5.48 8.24 28.78
N LEU B 469 5.22 8.27 27.47
CA LEU B 469 6.16 8.84 26.52
C LEU B 469 5.76 10.23 26.08
N LYS B 470 4.61 10.71 26.54
CA LYS B 470 4.12 12.05 26.20
C LYS B 470 5.20 13.10 26.44
N GLY B 471 5.40 13.97 25.45
CA GLY B 471 6.36 15.05 25.60
C GLY B 471 7.81 14.63 25.77
N ARG B 472 8.18 13.43 25.35
CA ARG B 472 9.57 13.00 25.39
C ARG B 472 10.11 12.86 23.97
N GLU B 473 11.40 13.14 23.81
CA GLU B 473 12.06 13.02 22.52
C GLU B 473 12.62 11.61 22.35
N ILE B 474 12.53 11.08 21.13
CA ILE B 474 13.08 9.76 20.80
C ILE B 474 13.75 9.87 19.45
N LYS B 475 15.01 9.44 19.37
CA LYS B 475 15.80 9.55 18.16
C LYS B 475 15.73 8.24 17.36
N ALA B 476 15.18 8.32 16.16
CA ALA B 476 15.04 7.15 15.32
C ALA B 476 16.37 6.82 14.63
N PRO B 477 16.71 5.53 14.49
CA PRO B 477 15.91 4.42 15.02
C PRO B 477 16.05 4.22 16.53
N ALA B 478 15.03 3.63 17.14
CA ALA B 478 15.02 3.37 18.55
C ALA B 478 14.25 2.08 18.85
N PHE B 479 14.35 1.65 20.10
CA PHE B 479 13.75 0.39 20.56
C PHE B 479 13.29 0.59 22.00
N ILE B 480 11.99 0.65 22.21
CA ILE B 480 11.42 0.80 23.56
C ILE B 480 11.13 -0.59 24.11
N GLU B 481 11.66 -0.89 25.28
CA GLU B 481 11.51 -2.21 25.90
C GLU B 481 11.21 -2.05 27.38
N LYS B 482 10.65 -3.11 27.95
CA LYS B 482 10.20 -3.12 29.34
C LYS B 482 11.37 -3.33 30.30
C01 A1IIQ C . -8.88 27.26 -21.77
C02 A1IIQ C . -9.99 27.79 -22.66
C03 A1IIQ C . -11.05 26.75 -23.08
C04 A1IIQ C . -12.32 26.53 -22.52
C05 A1IIQ C . -12.95 27.23 -21.32
C08 A1IIQ C . -12.28 24.11 -25.17
C09 A1IIQ C . -10.93 25.85 -24.13
N06 A1IIQ C . -12.88 25.56 -23.22
N07 A1IIQ C . -12.03 25.15 -24.20
N10 A1IIQ C . -9.81 25.71 -25.04
C1 GN1 D . 7.73 20.57 -11.86
OP1 GN1 D . 10.17 18.58 -10.46
P GN1 D . 9.40 18.54 -11.69
OP2 GN1 D . 8.28 17.68 -11.32
OP3 GN1 D . 10.13 17.78 -12.70
C2 GN1 D . 7.17 21.31 -13.06
C3 GN1 D . 8.13 22.43 -13.46
C4 GN1 D . 8.07 23.37 -12.27
C5 GN1 D . 8.62 22.65 -11.03
C6 GN1 D . 8.49 23.54 -9.81
C8 GN1 D . 5.34 18.96 -15.58
O1 GN1 D . 8.97 20.04 -12.23
O3 GN1 D . 7.71 23.05 -14.66
O4 GN1 D . 8.81 24.52 -12.50
O5 GN1 D . 7.94 21.45 -10.79
N2 GN1 D . 6.96 20.40 -14.18
C7 GN1 D . 5.62 19.92 -14.42
O6 GN1 D . 9.19 22.94 -8.74
O7 GN1 D . 4.72 20.30 -13.73
C01 A1IIG E . 10.70 13.08 -15.03
C02 A1IIG E . 11.57 12.00 -15.64
C05 A1IIG E . 10.15 14.13 -15.99
C06 A1IIG E . 9.99 13.67 -17.46
C07 A1IIG E . 10.27 14.45 -18.59
C08 A1IIG E . 10.04 13.86 -19.82
C09 A1IIG E . 9.56 12.56 -19.78
N11 A1IIG E . 8.87 14.56 -15.44
O03 A1IIG E . 12.67 12.30 -16.21
O04 A1IIG E . 11.17 10.81 -15.58
S10 A1IIG E . 9.43 12.16 -18.10
#